data_3ZHP
#
_entry.id   3ZHP
#
_cell.length_a   64.800
_cell.length_b   120.340
_cell.length_c   98.910
_cell.angle_alpha   90.00
_cell.angle_beta   99.69
_cell.angle_gamma   90.00
#
_symmetry.space_group_name_H-M   'P 1 21 1'
#
loop_
_entity.id
_entity.type
_entity.pdbx_description
1 polymer 'CALCIUM-BINDING PROTEIN 39-LIKE'
2 polymer 'SERINE/THREONINE-PROTEIN KINASE 24'
3 non-polymer 'SULFATE ION'
#
loop_
_entity_poly.entity_id
_entity_poly.type
_entity_poly.pdbx_seq_one_letter_code
_entity_poly.pdbx_strand_id
1 'polypeptide(L)'
;GPLGSMLPLFSKSHKNPAEIVKILKDNLAILEKQDKKTDKASEEVSKSLQAMKEILCGTNEKEPPTEAVAQLAQELYSSG
LLVTLIADLQLIDFEGKKDVTQIFNNILRRQIGTRSPTVEYISAHPHILFMLLKGYEAPQIALRCGIMLRECIRHEPLAK
IILFSNQFRDFFKYVELSTFDIASDAFATFKDLLTRHKVLVADFLEQNYDTIFEDYEKLLQSENYVTKRQSLKLLGELIL
DRHNFAIMTKYISKPENLKLMMNLLRDKSPNIQFEAFHVFKVFVASPHKTQPIVEILLKNQPKLIEFLSSFQKERTDDEQ
FADEKNYLIKQIRDLKKTAP
;
A,B
2 'polypeptide(L)'
;MHHHHHHSSGVDLGTENLYFQSMDPEELFTKLEKIGKGSFGEVFKGIDNRTQKVVAIKIIDLEEAEDEIEDIQQEITVLS
QCDSPYVTKYYGSYLKDTKLWIIMEYLGGGSALDLLEPGPLDETQIATILREILKGLDYLHSEKKIHRDIKAANVLLSEH
GEVKLADFGVAGQLTDTQIKRNTFVGTPFWMAPEVIKQSAYDSKADIWSLGITAIELARGEPPHSELHPMKVLFLIPKNN
PPTLEGNYSKPLKEFVEACLNKEPSFRPTAKELLKHKFILRNAKKTSYLTELID
;
C,D
#
# COMPACT_ATOMS: atom_id res chain seq x y z
N ALA A 18 39.59 -14.80 18.60
CA ALA A 18 40.76 -15.00 17.75
C ALA A 18 40.41 -15.77 16.47
N GLU A 19 39.47 -16.73 16.56
CA GLU A 19 39.00 -17.55 15.45
C GLU A 19 38.27 -16.73 14.40
N ILE A 20 37.34 -15.85 14.86
CA ILE A 20 36.50 -14.96 14.06
C ILE A 20 37.33 -13.88 13.36
N VAL A 21 38.38 -13.36 14.05
CA VAL A 21 39.28 -12.31 13.58
C VAL A 21 39.90 -12.67 12.21
N LYS A 22 40.41 -13.92 12.07
CA LYS A 22 41.05 -14.47 10.87
C LYS A 22 40.11 -14.42 9.64
N ILE A 23 38.83 -14.77 9.82
CA ILE A 23 37.81 -14.79 8.76
C ILE A 23 37.49 -13.36 8.31
N LEU A 24 37.20 -12.45 9.27
CA LEU A 24 36.84 -11.05 9.05
C LEU A 24 37.98 -10.27 8.38
N LYS A 25 39.25 -10.52 8.75
CA LYS A 25 40.44 -9.87 8.18
C LYS A 25 40.53 -10.09 6.66
N ASP A 26 40.44 -11.37 6.22
CA ASP A 26 40.53 -11.79 4.82
C ASP A 26 39.31 -11.34 3.99
N ASN A 27 38.09 -11.50 4.54
CA ASN A 27 36.83 -11.14 3.87
C ASN A 27 36.69 -9.63 3.61
N LEU A 28 37.23 -8.78 4.50
CA LEU A 28 37.18 -7.32 4.33
C LEU A 28 38.08 -6.86 3.19
N ALA A 29 39.22 -7.56 2.97
CA ALA A 29 40.16 -7.31 1.88
C ALA A 29 39.53 -7.66 0.53
N ILE A 30 38.63 -8.67 0.52
CA ILE A 30 37.86 -9.12 -0.64
C ILE A 30 36.78 -8.06 -0.94
N LEU A 31 36.16 -7.51 0.12
CA LEU A 31 35.13 -6.47 0.04
C LEU A 31 35.72 -5.12 -0.37
N GLU A 32 37.01 -4.87 -0.05
CA GLU A 32 37.76 -3.65 -0.42
C GLU A 32 37.76 -3.47 -1.94
N LYS A 33 37.84 -4.60 -2.68
CA LYS A 33 37.78 -4.65 -4.15
C LYS A 33 36.35 -4.36 -4.61
N GLN A 34 36.21 -3.45 -5.59
CA GLN A 34 34.92 -3.02 -6.16
C GLN A 34 34.21 -4.12 -6.98
N ASP A 35 34.73 -5.36 -6.97
CA ASP A 35 34.19 -6.53 -7.68
C ASP A 35 32.81 -6.91 -7.15
N LYS A 36 31.95 -7.45 -8.04
CA LYS A 36 30.58 -7.89 -7.75
C LYS A 36 30.56 -9.17 -6.90
N LYS A 37 31.71 -9.90 -6.83
CA LYS A 37 31.88 -11.13 -6.05
C LYS A 37 31.85 -10.88 -4.53
N THR A 38 31.99 -9.60 -4.11
CA THR A 38 32.00 -9.15 -2.71
C THR A 38 30.62 -9.27 -2.04
N ASP A 39 29.53 -9.45 -2.84
CA ASP A 39 28.14 -9.57 -2.37
C ASP A 39 27.95 -10.75 -1.39
N LYS A 40 28.74 -11.82 -1.55
CA LYS A 40 28.70 -13.01 -0.68
C LYS A 40 29.57 -12.82 0.56
N ALA A 41 30.67 -12.04 0.43
CA ALA A 41 31.62 -11.72 1.50
C ALA A 41 30.99 -10.83 2.58
N SER A 42 30.02 -9.97 2.19
CA SER A 42 29.28 -9.05 3.06
C SER A 42 28.46 -9.82 4.10
N GLU A 43 27.95 -11.00 3.72
CA GLU A 43 27.20 -11.92 4.58
C GLU A 43 28.12 -12.49 5.65
N GLU A 44 29.36 -12.82 5.26
CA GLU A 44 30.40 -13.37 6.14
C GLU A 44 30.96 -12.31 7.08
N VAL A 45 31.09 -11.06 6.60
CA VAL A 45 31.61 -9.92 7.37
C VAL A 45 30.62 -9.56 8.49
N SER A 46 29.32 -9.42 8.14
CA SER A 46 28.24 -9.08 9.08
C SER A 46 28.06 -10.17 10.15
N LYS A 47 28.19 -11.45 9.76
CA LYS A 47 28.08 -12.61 10.67
C LYS A 47 29.25 -12.65 11.66
N SER A 48 30.45 -12.22 11.20
CA SER A 48 31.67 -12.15 12.03
C SER A 48 31.52 -11.06 13.10
N LEU A 49 31.00 -9.88 12.71
CA LEU A 49 30.76 -8.73 13.59
C LEU A 49 29.65 -9.03 14.60
N GLN A 50 28.62 -9.79 14.18
CA GLN A 50 27.49 -10.19 15.02
C GLN A 50 27.95 -11.15 16.12
N ALA A 51 28.96 -11.99 15.82
CA ALA A 51 29.56 -12.96 16.75
C ALA A 51 30.42 -12.25 17.80
N MET A 52 31.20 -11.23 17.37
CA MET A 52 32.09 -10.43 18.22
C MET A 52 31.31 -9.58 19.23
N LYS A 53 30.14 -9.04 18.81
CA LYS A 53 29.24 -8.22 19.62
C LYS A 53 28.69 -9.03 20.81
N GLU A 54 28.39 -10.33 20.57
CA GLU A 54 27.87 -11.27 21.56
C GLU A 54 28.92 -11.61 22.64
N ILE A 55 30.22 -11.50 22.30
CA ILE A 55 31.32 -11.80 23.24
C ILE A 55 31.52 -10.61 24.20
N LEU A 56 31.69 -9.39 23.63
CA LEU A 56 31.95 -8.15 24.37
C LEU A 56 30.75 -7.69 25.21
N CYS A 57 29.56 -7.52 24.58
CA CYS A 57 28.35 -7.04 25.25
C CYS A 57 27.59 -8.20 25.91
N PRO A 64 27.84 -10.56 32.25
CA PRO A 64 28.27 -10.85 30.88
C PRO A 64 29.63 -11.55 30.83
N PRO A 65 29.90 -12.46 29.85
CA PRO A 65 31.21 -13.13 29.81
C PRO A 65 32.35 -12.17 29.43
N THR A 66 33.46 -12.20 30.21
CA THR A 66 34.62 -11.33 30.01
C THR A 66 35.95 -12.14 30.00
N GLU A 67 35.86 -13.48 29.95
CA GLU A 67 37.04 -14.37 29.90
C GLU A 67 37.70 -14.33 28.52
N ALA A 68 36.89 -14.53 27.45
CA ALA A 68 37.34 -14.54 26.06
C ALA A 68 37.53 -13.12 25.50
N VAL A 69 36.98 -12.09 26.19
CA VAL A 69 37.05 -10.67 25.84
C VAL A 69 38.52 -10.19 25.86
N ALA A 70 39.28 -10.58 26.90
CA ALA A 70 40.69 -10.22 27.12
C ALA A 70 41.59 -10.52 25.90
N GLN A 71 41.41 -11.71 25.28
CA GLN A 71 42.18 -12.13 24.11
C GLN A 71 41.68 -11.48 22.82
N LEU A 72 40.37 -11.19 22.73
CA LEU A 72 39.74 -10.57 21.56
C LEU A 72 40.29 -9.16 21.29
N ALA A 73 40.59 -8.40 22.36
CA ALA A 73 41.14 -7.04 22.28
C ALA A 73 42.51 -7.00 21.61
N GLN A 74 43.47 -7.84 22.09
CA GLN A 74 44.85 -7.94 21.58
C GLN A 74 44.85 -8.38 20.10
N GLU A 75 43.87 -9.23 19.70
CA GLU A 75 43.72 -9.71 18.33
C GLU A 75 43.32 -8.56 17.39
N LEU A 76 42.48 -7.62 17.88
CA LEU A 76 42.00 -6.44 17.14
C LEU A 76 43.09 -5.36 17.01
N TYR A 77 43.95 -5.23 18.04
CA TYR A 77 45.04 -4.25 18.05
C TYR A 77 46.17 -4.65 17.09
N SER A 78 46.71 -5.88 17.25
CA SER A 78 47.83 -6.44 16.48
C SER A 78 47.51 -6.59 14.98
N SER A 79 46.25 -6.91 14.64
CA SER A 79 45.83 -7.09 13.24
C SER A 79 45.68 -5.76 12.50
N GLY A 80 45.35 -4.70 13.24
CA GLY A 80 45.11 -3.38 12.69
C GLY A 80 43.74 -3.28 12.04
N LEU A 81 42.86 -4.23 12.39
CA LEU A 81 41.49 -4.38 11.87
C LEU A 81 40.61 -3.21 12.29
N LEU A 82 40.84 -2.67 13.50
CA LEU A 82 40.14 -1.52 14.09
C LEU A 82 40.31 -0.25 13.23
N VAL A 83 41.31 -0.24 12.33
CA VAL A 83 41.62 0.86 11.41
C VAL A 83 40.88 0.63 10.09
N THR A 84 40.95 -0.59 9.54
CA THR A 84 40.34 -0.97 8.25
C THR A 84 38.80 -1.00 8.34
N LEU A 85 38.24 -1.27 9.53
CA LEU A 85 36.80 -1.32 9.75
C LEU A 85 36.13 0.06 9.61
N ILE A 86 36.84 1.14 10.00
CA ILE A 86 36.33 2.51 9.87
C ILE A 86 36.64 2.98 8.44
N ALA A 87 37.80 2.57 7.90
CA ALA A 87 38.24 2.88 6.54
C ALA A 87 37.26 2.34 5.50
N ASP A 88 36.73 1.13 5.72
CA ASP A 88 35.81 0.48 4.80
C ASP A 88 34.41 0.33 5.43
N LEU A 89 33.99 1.33 6.24
CA LEU A 89 32.69 1.33 6.91
C LEU A 89 31.53 1.55 5.92
N GLN A 90 31.77 2.34 4.85
CA GLN A 90 30.75 2.64 3.83
C GLN A 90 30.39 1.40 2.99
N LEU A 91 31.30 0.40 2.90
CA LEU A 91 31.08 -0.83 2.12
C LEU A 91 30.35 -1.92 2.93
N ILE A 92 30.17 -1.71 4.25
CA ILE A 92 29.49 -2.64 5.18
C ILE A 92 27.97 -2.33 5.18
N ASP A 93 27.12 -3.38 5.30
CA ASP A 93 25.66 -3.28 5.37
C ASP A 93 25.21 -2.65 6.70
N PHE A 94 23.94 -2.16 6.75
CA PHE A 94 23.32 -1.50 7.91
C PHE A 94 23.48 -2.29 9.21
N GLU A 95 23.11 -3.60 9.21
CA GLU A 95 23.18 -4.49 10.37
C GLU A 95 24.63 -4.63 10.86
N GLY A 96 25.56 -4.84 9.92
CA GLY A 96 26.99 -4.95 10.19
C GLY A 96 27.57 -3.66 10.76
N LYS A 97 27.16 -2.50 10.18
CA LYS A 97 27.59 -1.16 10.58
C LYS A 97 27.25 -0.86 12.04
N LYS A 98 26.06 -1.33 12.50
CA LYS A 98 25.58 -1.19 13.88
C LYS A 98 26.51 -1.91 14.85
N ASP A 99 26.93 -3.15 14.48
CA ASP A 99 27.84 -3.98 15.24
C ASP A 99 29.23 -3.34 15.36
N VAL A 100 29.74 -2.71 14.26
CA VAL A 100 31.03 -2.00 14.20
C VAL A 100 31.06 -0.92 15.30
N THR A 101 29.95 -0.18 15.43
CA THR A 101 29.77 0.89 16.43
C THR A 101 29.79 0.27 17.83
N GLN A 102 28.98 -0.78 18.09
CA GLN A 102 28.88 -1.46 19.38
C GLN A 102 30.24 -2.00 19.84
N ILE A 103 31.00 -2.63 18.91
CA ILE A 103 32.34 -3.19 19.16
C ILE A 103 33.32 -2.07 19.54
N PHE A 104 33.41 -1.01 18.71
CA PHE A 104 34.30 0.13 18.88
C PHE A 104 34.09 0.83 20.22
N ASN A 105 32.83 1.17 20.55
CA ASN A 105 32.47 1.87 21.79
C ASN A 105 32.73 1.03 23.05
N ASN A 106 32.61 -0.32 22.97
CA ASN A 106 32.86 -1.23 24.09
C ASN A 106 34.36 -1.36 24.35
N ILE A 107 35.15 -1.62 23.28
CA ILE A 107 36.60 -1.79 23.29
C ILE A 107 37.27 -0.51 23.83
N LEU A 108 36.75 0.66 23.43
CA LEU A 108 37.24 1.99 23.83
C LEU A 108 37.15 2.22 25.36
N ARG A 109 36.14 1.64 26.02
CA ARG A 109 35.93 1.79 27.46
C ARG A 109 36.67 0.72 28.29
N ARG A 110 37.38 -0.23 27.63
CA ARG A 110 38.14 -1.27 28.31
C ARG A 110 39.33 -0.67 29.06
N GLN A 111 39.51 -1.10 30.33
CA GLN A 111 40.57 -0.60 31.20
C GLN A 111 41.28 -1.74 31.93
N ILE A 112 42.59 -1.87 31.67
CA ILE A 112 43.48 -2.84 32.32
C ILE A 112 44.32 -2.01 33.29
N GLY A 113 43.93 -2.05 34.56
CA GLY A 113 44.57 -1.28 35.62
C GLY A 113 44.24 0.20 35.50
N THR A 114 45.26 1.06 35.57
CA THR A 114 45.13 2.52 35.44
C THR A 114 45.02 2.87 33.95
N ARG A 115 45.77 2.13 33.12
CA ARG A 115 45.87 2.27 31.66
C ARG A 115 44.59 1.91 30.91
N SER A 116 44.32 2.65 29.82
CA SER A 116 43.20 2.39 28.90
C SER A 116 43.82 1.97 27.55
N PRO A 117 43.84 0.64 27.26
CA PRO A 117 44.56 0.14 26.06
C PRO A 117 44.13 0.70 24.70
N THR A 118 42.83 0.98 24.51
CA THR A 118 42.33 1.49 23.22
C THR A 118 42.74 2.95 23.00
N VAL A 119 42.70 3.77 24.06
CA VAL A 119 43.10 5.18 24.00
C VAL A 119 44.58 5.26 23.60
N GLU A 120 45.41 4.36 24.13
CA GLU A 120 46.84 4.22 23.81
C GLU A 120 47.02 3.80 22.35
N TYR A 121 46.15 2.89 21.87
CA TYR A 121 46.17 2.37 20.50
C TYR A 121 45.84 3.47 19.48
N ILE A 122 44.72 4.20 19.70
CA ILE A 122 44.29 5.29 18.82
C ILE A 122 45.27 6.49 18.96
N SER A 123 46.07 6.55 20.05
CA SER A 123 47.10 7.59 20.21
C SER A 123 48.26 7.29 19.26
N ALA A 124 48.56 5.99 19.08
CA ALA A 124 49.60 5.49 18.18
C ALA A 124 49.07 5.40 16.74
N HIS A 125 47.74 5.27 16.58
CA HIS A 125 47.05 5.20 15.29
C HIS A 125 46.06 6.38 15.19
N PRO A 126 46.54 7.64 14.95
CA PRO A 126 45.62 8.79 14.93
C PRO A 126 44.70 8.84 13.72
N HIS A 127 45.06 8.18 12.61
CA HIS A 127 44.28 8.14 11.36
C HIS A 127 42.83 7.74 11.63
N ILE A 128 42.59 6.89 12.65
CA ILE A 128 41.28 6.44 13.11
C ILE A 128 40.39 7.67 13.40
N LEU A 129 40.92 8.64 14.19
CA LEU A 129 40.22 9.87 14.59
C LEU A 129 39.84 10.74 13.41
N PHE A 130 40.77 10.90 12.44
CA PHE A 130 40.56 11.75 11.27
C PHE A 130 39.62 11.10 10.27
N MET A 131 39.60 9.75 10.20
CA MET A 131 38.67 9.01 9.34
C MET A 131 37.24 9.24 9.81
N LEU A 132 37.05 9.23 11.16
CA LEU A 132 35.77 9.48 11.82
C LEU A 132 35.29 10.90 11.55
N LEU A 133 36.21 11.88 11.68
CA LEU A 133 35.96 13.31 11.44
C LEU A 133 35.61 13.55 9.94
N LYS A 134 36.35 12.92 9.00
CA LYS A 134 36.09 13.02 7.55
C LYS A 134 34.74 12.35 7.20
N GLY A 135 34.22 11.55 8.14
CA GLY A 135 32.94 10.85 8.03
C GLY A 135 31.76 11.75 7.79
N TYR A 136 31.76 12.97 8.40
CA TYR A 136 30.71 13.99 8.25
C TYR A 136 30.48 14.40 6.79
N GLU A 137 31.49 14.18 5.92
CA GLU A 137 31.44 14.49 4.50
C GLU A 137 30.52 13.49 3.78
N ALA A 138 30.51 12.21 4.24
CA ALA A 138 29.68 11.15 3.67
C ALA A 138 28.38 10.98 4.49
N PRO A 139 27.20 11.38 3.93
CA PRO A 139 25.95 11.30 4.71
C PRO A 139 25.55 9.89 5.17
N GLN A 140 25.93 8.86 4.40
CA GLN A 140 25.62 7.45 4.68
C GLN A 140 26.22 6.96 6.00
N ILE A 141 27.32 7.59 6.50
CA ILE A 141 28.03 7.17 7.73
C ILE A 141 28.27 8.33 8.73
N ALA A 142 27.91 9.58 8.37
CA ALA A 142 28.12 10.81 9.15
C ALA A 142 27.71 10.71 10.62
N LEU A 143 26.45 10.32 10.89
CA LEU A 143 25.90 10.21 12.25
C LEU A 143 26.56 9.08 13.04
N ARG A 144 26.87 7.94 12.36
CA ARG A 144 27.53 6.78 12.95
C ARG A 144 28.95 7.16 13.40
N CYS A 145 29.66 7.91 12.52
CA CYS A 145 31.01 8.42 12.76
C CYS A 145 31.00 9.42 13.90
N GLY A 146 29.99 10.30 13.90
CA GLY A 146 29.80 11.32 14.93
C GLY A 146 29.73 10.75 16.32
N ILE A 147 28.98 9.63 16.49
CA ILE A 147 28.82 8.93 17.76
C ILE A 147 30.19 8.38 18.23
N MET A 148 30.89 7.62 17.35
CA MET A 148 32.19 7.04 17.65
C MET A 148 33.26 8.10 17.91
N LEU A 149 33.31 9.17 17.09
CA LEU A 149 34.27 10.28 17.24
C LEU A 149 34.08 10.96 18.59
N ARG A 150 32.81 11.12 19.03
CA ARG A 150 32.42 11.72 20.30
C ARG A 150 32.87 10.85 21.48
N GLU A 151 32.84 9.53 21.30
CA GLU A 151 33.26 8.55 22.30
C GLU A 151 34.76 8.62 22.54
N CYS A 152 35.55 8.84 21.46
CA CYS A 152 37.01 8.97 21.49
C CYS A 152 37.44 10.20 22.29
N ILE A 153 36.85 11.36 21.95
CA ILE A 153 37.17 12.68 22.50
C ILE A 153 36.73 12.81 23.97
N ARG A 154 36.18 11.74 24.58
CA ARG A 154 35.84 11.69 26.00
C ARG A 154 37.14 11.65 26.82
N HIS A 155 38.18 11.04 26.24
CA HIS A 155 39.52 10.87 26.81
C HIS A 155 40.40 12.02 26.30
N GLU A 156 41.08 12.72 27.23
CA GLU A 156 41.94 13.88 26.98
C GLU A 156 42.98 13.68 25.86
N PRO A 157 43.74 12.55 25.76
CA PRO A 157 44.73 12.44 24.67
C PRO A 157 44.11 12.42 23.28
N LEU A 158 42.96 11.74 23.12
CA LEU A 158 42.27 11.63 21.82
C LEU A 158 41.60 12.96 21.44
N ALA A 159 41.18 13.75 22.43
CA ALA A 159 40.61 15.07 22.19
C ALA A 159 41.72 16.05 21.81
N LYS A 160 42.91 15.89 22.43
CA LYS A 160 44.10 16.73 22.19
C LYS A 160 44.55 16.63 20.72
N ILE A 161 44.56 15.41 20.16
CA ILE A 161 44.98 15.11 18.78
C ILE A 161 44.10 15.87 17.76
N ILE A 162 42.77 15.82 17.90
CA ILE A 162 41.84 16.48 16.99
C ILE A 162 41.92 18.01 17.15
N LEU A 163 41.85 18.49 18.40
CA LEU A 163 41.86 19.90 18.77
C LEU A 163 43.02 20.65 18.11
N PHE A 164 44.26 20.17 18.31
CA PHE A 164 45.49 20.76 17.79
C PHE A 164 45.78 20.44 16.32
N SER A 165 44.94 19.62 15.66
CA SER A 165 45.15 19.29 14.26
C SER A 165 44.58 20.38 13.35
N ASN A 166 45.04 20.42 12.09
CA ASN A 166 44.56 21.36 11.07
C ASN A 166 43.16 20.96 10.63
N GLN A 167 42.83 19.66 10.80
CA GLN A 167 41.53 19.06 10.46
C GLN A 167 40.42 19.52 11.41
N PHE A 168 40.77 20.20 12.54
CA PHE A 168 39.77 20.74 13.48
C PHE A 168 38.99 21.87 12.81
N ARG A 169 39.67 22.68 11.97
CA ARG A 169 39.12 23.81 11.23
C ARG A 169 37.96 23.39 10.30
N ASP A 170 37.87 22.09 9.92
CA ASP A 170 36.82 21.56 9.05
C ASP A 170 35.43 21.62 9.70
N PHE A 171 35.39 21.67 11.05
CA PHE A 171 34.14 21.74 11.80
C PHE A 171 33.35 22.99 11.42
N PHE A 172 34.03 24.14 11.23
CA PHE A 172 33.41 25.40 10.84
C PHE A 172 32.67 25.28 9.49
N LYS A 173 33.04 24.28 8.68
CA LYS A 173 32.41 23.96 7.40
C LYS A 173 31.42 22.81 7.58
N TYR A 174 31.70 21.90 8.53
CA TYR A 174 30.83 20.75 8.83
C TYR A 174 29.56 21.18 9.58
N VAL A 175 29.63 22.27 10.37
CA VAL A 175 28.49 22.77 11.14
C VAL A 175 27.57 23.61 10.25
N GLU A 176 28.04 24.00 9.05
CA GLU A 176 27.29 24.83 8.11
C GLU A 176 26.73 24.01 6.93
N LEU A 177 26.72 22.66 7.05
CA LEU A 177 26.23 21.74 6.03
C LEU A 177 24.72 21.88 5.78
N SER A 178 24.27 21.55 4.55
CA SER A 178 22.87 21.67 4.12
C SER A 178 21.91 20.75 4.91
N THR A 179 22.33 19.50 5.23
CA THR A 179 21.52 18.55 6.01
C THR A 179 21.58 18.98 7.48
N PHE A 180 20.41 19.29 8.06
CA PHE A 180 20.29 19.77 9.43
C PHE A 180 20.84 18.77 10.45
N ASP A 181 20.37 17.51 10.39
CA ASP A 181 20.75 16.43 11.30
C ASP A 181 22.28 16.24 11.42
N ILE A 182 23.00 16.19 10.28
CA ILE A 182 24.48 16.02 10.25
C ILE A 182 25.13 17.28 10.85
N ALA A 183 24.68 18.48 10.39
CA ALA A 183 25.16 19.79 10.85
C ALA A 183 24.99 19.94 12.37
N SER A 184 23.85 19.43 12.91
CA SER A 184 23.55 19.46 14.34
C SER A 184 24.48 18.50 15.09
N ASP A 185 24.81 17.34 14.49
CA ASP A 185 25.71 16.36 15.08
C ASP A 185 27.15 16.90 15.06
N ALA A 186 27.50 17.66 14.00
CA ALA A 186 28.81 18.28 13.86
C ALA A 186 29.04 19.30 14.98
N PHE A 187 28.03 20.16 15.27
CA PHE A 187 28.11 21.15 16.36
C PHE A 187 28.18 20.45 17.73
N ALA A 188 27.51 19.29 17.89
CA ALA A 188 27.50 18.48 19.12
C ALA A 188 28.93 18.08 19.53
N THR A 189 29.72 17.57 18.56
CA THR A 189 31.12 17.15 18.72
C THR A 189 31.99 18.39 18.93
N PHE A 190 31.85 19.40 18.05
CA PHE A 190 32.55 20.69 18.10
C PHE A 190 32.43 21.31 19.52
N LYS A 191 31.18 21.40 20.07
CA LYS A 191 30.89 21.92 21.41
C LYS A 191 31.61 21.10 22.49
N ASP A 192 31.55 19.76 22.38
CA ASP A 192 32.18 18.87 23.34
C ASP A 192 33.70 19.11 23.37
N LEU A 193 34.34 19.18 22.18
CA LEU A 193 35.78 19.40 22.05
C LEU A 193 36.24 20.69 22.72
N LEU A 194 35.39 21.74 22.74
CA LEU A 194 35.74 23.05 23.31
C LEU A 194 35.23 23.26 24.75
N THR A 195 34.53 22.26 25.35
CA THR A 195 34.00 22.44 26.70
C THR A 195 34.35 21.31 27.68
N ARG A 196 34.70 20.09 27.18
CA ARG A 196 35.00 18.95 28.07
C ARG A 196 36.27 19.17 28.89
N HIS A 197 37.46 19.06 28.25
CA HIS A 197 38.77 19.20 28.90
C HIS A 197 39.17 20.66 28.93
N LYS A 198 38.66 21.36 29.95
CA LYS A 198 38.76 22.80 30.16
C LYS A 198 40.21 23.30 30.29
N VAL A 199 41.12 22.49 30.87
CA VAL A 199 42.53 22.85 31.00
C VAL A 199 43.21 22.76 29.62
N LEU A 200 42.87 21.71 28.85
CA LEU A 200 43.39 21.46 27.50
C LEU A 200 42.90 22.52 26.51
N VAL A 201 41.59 22.84 26.54
CA VAL A 201 40.93 23.80 25.64
C VAL A 201 41.49 25.21 25.83
N ALA A 202 41.61 25.66 27.11
CA ALA A 202 42.14 26.99 27.47
C ALA A 202 43.52 27.21 26.87
N ASP A 203 44.43 26.22 27.01
CA ASP A 203 45.78 26.26 26.47
C ASP A 203 45.75 26.28 24.93
N PHE A 204 44.88 25.46 24.32
CA PHE A 204 44.74 25.37 22.87
C PHE A 204 44.27 26.70 22.27
N LEU A 205 43.14 27.24 22.80
CA LEU A 205 42.54 28.50 22.36
C LEU A 205 43.53 29.66 22.47
N GLU A 206 44.35 29.69 23.55
CA GLU A 206 45.40 30.68 23.77
C GLU A 206 46.45 30.65 22.65
N GLN A 207 46.80 29.43 22.19
CA GLN A 207 47.81 29.21 21.15
C GLN A 207 47.31 29.57 19.75
N ASN A 208 46.09 29.12 19.39
CA ASN A 208 45.57 29.34 18.04
C ASN A 208 44.46 30.41 17.99
N TYR A 209 44.44 31.37 18.94
CA TYR A 209 43.41 32.43 19.06
C TYR A 209 43.08 33.13 17.74
N ASP A 210 44.07 33.80 17.12
CA ASP A 210 43.92 34.60 15.90
C ASP A 210 43.26 33.85 14.75
N THR A 211 43.66 32.58 14.52
CA THR A 211 43.12 31.75 13.43
C THR A 211 41.77 31.12 13.79
N ILE A 212 41.61 30.65 15.04
CA ILE A 212 40.39 29.96 15.50
C ILE A 212 39.21 30.92 15.67
N PHE A 213 39.44 32.20 16.05
CA PHE A 213 38.37 33.18 16.24
C PHE A 213 38.02 33.89 14.93
N GLU A 214 38.92 33.85 13.93
CA GLU A 214 38.69 34.38 12.59
C GLU A 214 37.61 33.51 11.92
N ASP A 215 37.64 32.20 12.21
CA ASP A 215 36.71 31.19 11.73
C ASP A 215 35.38 31.26 12.50
N TYR A 216 35.44 31.51 13.83
CA TYR A 216 34.28 31.59 14.71
C TYR A 216 33.39 32.80 14.38
N GLU A 217 34.00 33.91 13.93
CA GLU A 217 33.33 35.14 13.51
C GLU A 217 32.32 34.84 12.39
N LYS A 218 32.70 33.92 11.46
CA LYS A 218 31.89 33.47 10.33
C LYS A 218 30.61 32.74 10.80
N LEU A 219 30.66 32.11 11.99
CA LEU A 219 29.52 31.40 12.59
C LEU A 219 28.51 32.40 13.17
N LEU A 220 29.03 33.52 13.73
CA LEU A 220 28.21 34.59 14.32
C LEU A 220 27.59 35.44 13.20
N GLN A 221 28.16 35.33 11.98
CA GLN A 221 27.72 36.00 10.76
C GLN A 221 26.83 35.10 9.89
N SER A 222 26.63 33.83 10.32
CA SER A 222 25.85 32.80 9.61
C SER A 222 24.42 33.21 9.28
N GLU A 223 23.95 32.80 8.09
CA GLU A 223 22.59 33.04 7.60
C GLU A 223 21.62 32.08 8.31
N ASN A 224 22.13 30.91 8.72
CA ASN A 224 21.42 29.88 9.48
C ASN A 224 21.18 30.36 10.92
N TYR A 225 19.89 30.42 11.33
CA TYR A 225 19.43 30.87 12.65
C TYR A 225 20.01 30.01 13.78
N VAL A 226 19.94 28.67 13.63
CA VAL A 226 20.41 27.69 14.62
C VAL A 226 21.94 27.86 14.79
N THR A 227 22.72 27.92 13.67
CA THR A 227 24.18 28.11 13.67
C THR A 227 24.52 29.44 14.36
N LYS A 228 23.78 30.51 14.05
CA LYS A 228 23.99 31.84 14.65
C LYS A 228 23.64 31.86 16.16
N ARG A 229 22.57 31.14 16.57
CA ARG A 229 22.13 31.10 17.96
C ARG A 229 23.06 30.27 18.84
N GLN A 230 23.33 29.02 18.43
CA GLN A 230 24.12 28.06 19.19
C GLN A 230 25.58 28.51 19.29
N SER A 231 26.14 29.16 18.24
CA SER A 231 27.52 29.67 18.24
C SER A 231 27.65 30.84 19.18
N LEU A 232 26.65 31.75 19.19
CA LEU A 232 26.58 32.92 20.06
C LEU A 232 26.46 32.48 21.53
N LYS A 233 25.66 31.42 21.78
CA LYS A 233 25.44 30.84 23.11
C LYS A 233 26.74 30.19 23.62
N LEU A 234 27.41 29.36 22.78
CA LEU A 234 28.65 28.67 23.12
C LEU A 234 29.77 29.67 23.39
N LEU A 235 29.85 30.76 22.59
CA LEU A 235 30.82 31.84 22.74
C LEU A 235 30.68 32.46 24.14
N GLY A 236 29.43 32.74 24.52
CA GLY A 236 29.11 33.28 25.83
C GLY A 236 29.48 32.31 26.94
N GLU A 237 29.27 31.00 26.71
CA GLU A 237 29.58 29.92 27.64
C GLU A 237 31.11 29.80 27.83
N LEU A 238 31.88 29.87 26.72
CA LEU A 238 33.35 29.78 26.68
C LEU A 238 34.00 30.92 27.48
N ILE A 239 33.65 32.17 27.15
CA ILE A 239 34.16 33.41 27.72
C ILE A 239 33.90 33.50 29.25
N LEU A 240 32.74 33.01 29.73
CA LEU A 240 32.38 33.08 31.14
C LEU A 240 33.08 32.00 32.01
N ASP A 241 33.72 30.98 31.38
CA ASP A 241 34.42 29.94 32.14
C ASP A 241 35.71 30.49 32.71
N ARG A 242 36.04 30.08 33.95
CA ARG A 242 37.22 30.52 34.68
C ARG A 242 38.53 30.18 33.92
N HIS A 243 38.61 28.99 33.29
CA HIS A 243 39.78 28.53 32.55
C HIS A 243 40.11 29.42 31.34
N ASN A 244 39.10 30.02 30.72
CA ASN A 244 39.26 30.84 29.52
C ASN A 244 39.41 32.35 29.80
N PHE A 245 40.07 32.71 30.93
CA PHE A 245 40.29 34.11 31.33
C PHE A 245 41.11 34.87 30.28
N ALA A 246 42.22 34.28 29.79
CA ALA A 246 43.10 34.90 28.80
C ALA A 246 42.36 35.17 27.49
N ILE A 247 41.50 34.22 27.08
CA ILE A 247 40.69 34.27 25.87
C ILE A 247 39.58 35.33 26.04
N MET A 248 38.94 35.37 27.23
CA MET A 248 37.89 36.33 27.58
C MET A 248 38.44 37.76 27.47
N THR A 249 39.59 38.02 28.11
CA THR A 249 40.28 39.32 28.11
C THR A 249 40.69 39.72 26.68
N LYS A 250 41.12 38.75 25.86
CA LYS A 250 41.54 39.01 24.48
C LYS A 250 40.33 39.32 23.58
N TYR A 251 39.19 38.65 23.81
CA TYR A 251 37.98 38.84 22.99
C TYR A 251 37.34 40.20 23.25
N ILE A 252 37.17 40.57 24.54
CA ILE A 252 36.53 41.82 24.94
C ILE A 252 37.46 43.04 24.76
N SER A 253 38.73 42.84 24.37
CA SER A 253 39.68 43.93 24.13
C SER A 253 39.57 44.46 22.70
N LYS A 254 39.16 43.59 21.75
CA LYS A 254 39.04 43.93 20.32
C LYS A 254 37.79 44.80 20.06
N PRO A 255 37.95 45.97 19.41
CA PRO A 255 36.80 46.88 19.20
C PRO A 255 35.74 46.35 18.22
N GLU A 256 36.14 45.66 17.14
CA GLU A 256 35.23 45.12 16.12
C GLU A 256 34.31 44.02 16.68
N ASN A 257 34.72 43.37 17.79
CA ASN A 257 33.94 42.33 18.46
C ASN A 257 32.75 42.93 19.20
N LEU A 258 32.95 44.11 19.85
CA LEU A 258 31.89 44.83 20.56
C LEU A 258 30.87 45.36 19.56
N LYS A 259 31.36 45.91 18.43
CA LYS A 259 30.55 46.44 17.33
C LYS A 259 29.61 45.35 16.80
N LEU A 260 30.12 44.09 16.66
CA LEU A 260 29.35 42.94 16.21
C LEU A 260 28.25 42.61 17.22
N MET A 261 28.58 42.56 18.53
CA MET A 261 27.62 42.29 19.60
C MET A 261 26.56 43.37 19.66
N MET A 262 26.97 44.65 19.47
CA MET A 262 26.08 45.81 19.43
C MET A 262 25.15 45.75 18.22
N ASN A 263 25.65 45.22 17.08
CA ASN A 263 24.86 45.05 15.86
C ASN A 263 23.89 43.88 16.00
N LEU A 264 24.32 42.80 16.69
CA LEU A 264 23.49 41.60 16.91
C LEU A 264 22.35 41.89 17.90
N LEU A 265 22.49 42.94 18.75
CA LEU A 265 21.43 43.35 19.68
C LEU A 265 20.24 43.96 18.92
N ARG A 266 20.48 44.32 17.64
CA ARG A 266 19.53 44.95 16.71
C ARG A 266 19.03 43.94 15.64
N ASP A 267 19.38 42.63 15.79
CA ASP A 267 18.97 41.55 14.89
C ASP A 267 17.45 41.37 14.90
N LYS A 268 16.86 40.93 13.76
CA LYS A 268 15.42 40.70 13.60
C LYS A 268 14.87 39.60 14.54
N SER A 269 15.76 38.80 15.15
CA SER A 269 15.40 37.72 16.06
C SER A 269 15.64 38.11 17.53
N PRO A 270 14.57 38.16 18.37
CA PRO A 270 14.74 38.48 19.80
C PRO A 270 15.57 37.45 20.57
N ASN A 271 15.58 36.18 20.11
CA ASN A 271 16.36 35.12 20.74
C ASN A 271 17.85 35.33 20.49
N ILE A 272 18.22 35.76 19.26
CA ILE A 272 19.59 36.07 18.84
C ILE A 272 20.08 37.32 19.61
N GLN A 273 19.25 38.37 19.71
CA GLN A 273 19.65 39.59 20.41
C GLN A 273 19.75 39.36 21.93
N PHE A 274 19.05 38.34 22.47
CA PHE A 274 19.15 38.00 23.89
C PHE A 274 20.46 37.26 24.14
N GLU A 275 20.83 36.34 23.24
CA GLU A 275 22.06 35.55 23.30
C GLU A 275 23.29 36.45 23.13
N ALA A 276 23.14 37.57 22.40
CA ALA A 276 24.16 38.58 22.15
C ALA A 276 24.43 39.41 23.39
N PHE A 277 23.35 39.73 24.16
CA PHE A 277 23.37 40.51 25.40
C PHE A 277 24.30 39.88 26.45
N HIS A 278 24.36 38.53 26.50
CA HIS A 278 25.20 37.81 27.45
C HIS A 278 26.67 37.89 27.08
N VAL A 279 26.99 38.07 25.79
CA VAL A 279 28.37 38.26 25.34
C VAL A 279 28.71 39.75 25.53
N PHE A 280 27.73 40.65 25.22
CA PHE A 280 27.84 42.10 25.34
C PHE A 280 28.09 42.56 26.80
N LYS A 281 27.35 41.98 27.79
CA LYS A 281 27.45 42.33 29.21
C LYS A 281 28.89 42.15 29.75
N VAL A 282 29.64 41.14 29.22
CA VAL A 282 31.02 40.82 29.60
C VAL A 282 31.94 42.01 29.24
N PHE A 283 31.73 42.61 28.04
CA PHE A 283 32.49 43.76 27.55
C PHE A 283 32.36 44.98 28.46
N VAL A 284 31.13 45.23 28.95
CA VAL A 284 30.78 46.41 29.76
C VAL A 284 31.19 46.26 31.25
N ALA A 285 30.89 45.11 31.89
CA ALA A 285 31.13 44.84 33.31
C ALA A 285 32.62 44.76 33.73
N SER A 286 33.56 44.61 32.78
CA SER A 286 34.99 44.48 33.10
C SER A 286 35.62 45.78 33.58
N PRO A 287 36.46 45.72 34.63
CA PRO A 287 37.10 46.96 35.13
C PRO A 287 38.27 47.40 34.25
N HIS A 288 38.99 46.44 33.64
CA HIS A 288 40.15 46.74 32.80
C HIS A 288 39.74 46.74 31.31
N LYS A 289 38.89 47.72 30.92
CA LYS A 289 38.43 47.92 29.54
C LYS A 289 39.49 48.72 28.76
N THR A 290 39.86 48.25 27.55
CA THR A 290 40.84 48.92 26.69
C THR A 290 40.25 50.23 26.18
N GLN A 291 41.11 51.24 25.92
CA GLN A 291 40.69 52.55 25.44
C GLN A 291 39.81 52.51 24.17
N PRO A 292 40.11 51.73 23.09
CA PRO A 292 39.19 51.71 21.93
C PRO A 292 37.76 51.26 22.29
N ILE A 293 37.63 50.35 23.30
CA ILE A 293 36.35 49.83 23.82
C ILE A 293 35.63 50.95 24.60
N VAL A 294 36.37 51.68 25.47
CA VAL A 294 35.87 52.79 26.29
C VAL A 294 35.32 53.89 25.37
N GLU A 295 36.01 54.15 24.25
CA GLU A 295 35.62 55.15 23.25
C GLU A 295 34.28 54.79 22.58
N ILE A 296 34.09 53.51 22.18
CA ILE A 296 32.85 53.01 21.55
C ILE A 296 31.68 53.15 22.53
N LEU A 297 31.87 52.68 23.79
CA LEU A 297 30.86 52.74 24.85
C LEU A 297 30.50 54.18 25.22
N LEU A 298 31.48 55.12 25.21
CA LEU A 298 31.23 56.53 25.50
C LEU A 298 30.55 57.23 24.32
N LYS A 299 30.89 56.85 23.08
CA LYS A 299 30.33 57.39 21.83
C LYS A 299 28.84 57.02 21.69
N ASN A 300 28.41 55.92 22.35
CA ASN A 300 27.04 55.41 22.34
C ASN A 300 26.45 55.37 23.76
N GLN A 301 27.01 56.17 24.69
CA GLN A 301 26.62 56.24 26.11
C GLN A 301 25.11 56.52 26.30
N PRO A 302 24.49 57.64 25.83
CA PRO A 302 23.04 57.81 26.06
C PRO A 302 22.20 56.87 25.18
N LYS A 303 22.71 56.48 24.00
CA LYS A 303 22.07 55.55 23.06
C LYS A 303 21.81 54.20 23.72
N LEU A 304 22.86 53.63 24.37
CA LEU A 304 22.77 52.35 25.07
C LEU A 304 21.93 52.43 26.38
N ILE A 305 21.87 53.63 27.02
CA ILE A 305 21.08 53.87 28.24
C ILE A 305 19.60 53.65 27.92
N GLU A 306 19.10 54.30 26.85
CA GLU A 306 17.70 54.21 26.44
C GLU A 306 17.39 52.86 25.81
N PHE A 307 18.37 52.24 25.12
CA PHE A 307 18.19 50.92 24.50
C PHE A 307 17.87 49.88 25.57
N LEU A 308 18.80 49.68 26.53
CA LEU A 308 18.71 48.73 27.63
C LEU A 308 17.52 49.02 28.56
N SER A 309 17.07 50.28 28.65
CA SER A 309 15.91 50.68 29.46
C SER A 309 14.60 50.09 28.91
N SER A 310 14.53 49.90 27.58
CA SER A 310 13.35 49.38 26.89
C SER A 310 13.60 48.01 26.25
N PHE A 311 14.83 47.48 26.38
CA PHE A 311 15.23 46.20 25.78
C PHE A 311 14.55 45.01 26.46
N GLN A 312 13.73 44.27 25.67
CA GLN A 312 12.97 43.07 26.02
C GLN A 312 12.24 43.22 27.37
N LYS A 313 11.29 44.18 27.41
CA LYS A 313 10.49 44.48 28.60
C LYS A 313 9.43 43.39 28.84
N GLU A 314 9.15 42.56 27.80
CA GLU A 314 8.18 41.45 27.83
C GLU A 314 8.61 40.32 28.78
N ARG A 315 9.94 40.16 28.99
CA ARG A 315 10.53 39.16 29.88
C ARG A 315 10.33 39.59 31.35
N THR A 316 9.10 39.36 31.87
CA THR A 316 8.71 39.74 33.24
C THR A 316 9.22 38.72 34.26
N ASP A 317 9.02 37.40 34.02
CA ASP A 317 9.45 36.32 34.92
C ASP A 317 10.96 36.03 34.76
N ASP A 318 11.80 37.09 34.91
CA ASP A 318 13.25 37.05 34.81
C ASP A 318 13.81 38.25 35.59
N GLU A 319 13.94 38.09 36.92
CA GLU A 319 14.45 39.11 37.84
C GLU A 319 15.95 39.35 37.62
N GLN A 320 16.70 38.29 37.24
CA GLN A 320 18.15 38.35 36.97
C GLN A 320 18.42 39.30 35.81
N PHE A 321 17.69 39.12 34.68
CA PHE A 321 17.80 39.94 33.46
C PHE A 321 17.47 41.40 33.74
N ALA A 322 16.47 41.65 34.59
CA ALA A 322 16.06 43.00 34.98
C ALA A 322 17.18 43.69 35.77
N ASP A 323 17.81 42.96 36.72
CA ASP A 323 18.92 43.45 37.53
C ASP A 323 20.17 43.63 36.68
N GLU A 324 20.43 42.68 35.74
CA GLU A 324 21.58 42.68 34.83
C GLU A 324 21.57 43.92 33.92
N LYS A 325 20.38 44.31 33.39
CA LYS A 325 20.21 45.50 32.55
C LYS A 325 20.54 46.79 33.32
N ASN A 326 19.97 46.93 34.54
CA ASN A 326 20.17 48.08 35.43
C ASN A 326 21.64 48.25 35.83
N TYR A 327 22.38 47.13 35.97
CA TYR A 327 23.80 47.15 36.32
C TYR A 327 24.58 47.73 35.15
N LEU A 328 24.31 47.26 33.91
CA LEU A 328 24.98 47.74 32.69
C LEU A 328 24.66 49.21 32.41
N ILE A 329 23.40 49.64 32.71
CA ILE A 329 22.95 51.03 32.55
C ILE A 329 23.78 51.91 33.51
N LYS A 330 23.96 51.47 34.77
CA LYS A 330 24.77 52.19 35.76
C LYS A 330 26.23 52.24 35.32
N GLN A 331 26.80 51.09 34.90
CA GLN A 331 28.19 50.94 34.45
C GLN A 331 28.50 51.86 33.25
N ILE A 332 27.52 52.06 32.34
CA ILE A 332 27.66 52.93 31.17
C ILE A 332 27.54 54.40 31.64
N ARG A 333 26.60 54.70 32.56
CA ARG A 333 26.40 56.06 33.10
C ARG A 333 27.60 56.51 33.95
N ASP A 334 28.29 55.56 34.63
CA ASP A 334 29.45 55.83 35.46
C ASP A 334 30.73 56.02 34.65
N LEU A 335 30.71 55.64 33.35
CA LEU A 335 31.87 55.77 32.44
C LEU A 335 32.32 57.21 32.27
N LYS A 336 33.64 57.43 32.28
CA LYS A 336 34.29 58.73 32.12
C LYS A 336 35.59 58.55 31.32
N LYS A 337 36.16 59.64 30.79
CA LYS A 337 37.39 59.64 30.02
C LYS A 337 38.62 59.51 30.93
N THR A 338 39.74 59.03 30.39
CA THR A 338 40.99 58.85 31.12
C THR A 338 41.69 60.20 31.24
N ALA B 18 -7.88 -36.51 3.86
CA ALA B 18 -8.64 -37.05 4.97
C ALA B 18 -8.32 -36.31 6.28
N GLU B 19 -7.06 -35.89 6.46
CA GLU B 19 -6.56 -35.17 7.64
C GLU B 19 -7.20 -33.78 7.75
N ILE B 20 -7.22 -33.05 6.62
CA ILE B 20 -7.73 -31.68 6.46
C ILE B 20 -9.27 -31.65 6.65
N VAL B 21 -9.97 -32.69 6.15
CA VAL B 21 -11.43 -32.85 6.19
C VAL B 21 -11.96 -32.71 7.64
N LYS B 22 -11.31 -33.42 8.59
CA LYS B 22 -11.66 -33.44 10.02
C LYS B 22 -11.66 -32.03 10.65
N ILE B 23 -10.64 -31.20 10.31
CA ILE B 23 -10.47 -29.83 10.83
C ILE B 23 -11.57 -28.92 10.27
N LEU B 24 -11.77 -28.95 8.93
CA LEU B 24 -12.74 -28.14 8.20
C LEU B 24 -14.18 -28.44 8.62
N LYS B 25 -14.52 -29.73 8.87
CA LYS B 25 -15.85 -30.17 9.29
C LYS B 25 -16.28 -29.49 10.61
N ASP B 26 -15.41 -29.57 11.64
CA ASP B 26 -15.62 -29.01 12.98
C ASP B 26 -15.63 -27.48 12.98
N ASN B 27 -14.66 -26.84 12.28
CA ASN B 27 -14.52 -25.38 12.20
C ASN B 27 -15.71 -24.68 11.52
N LEU B 28 -16.33 -25.34 10.52
CA LEU B 28 -17.49 -24.79 9.80
C LEU B 28 -18.72 -24.75 10.70
N ALA B 29 -18.86 -25.75 11.60
CA ALA B 29 -19.95 -25.85 12.58
C ALA B 29 -19.83 -24.73 13.62
N ILE B 30 -18.57 -24.31 13.92
CA ILE B 30 -18.24 -23.21 14.84
C ILE B 30 -18.60 -21.89 14.14
N LEU B 31 -18.31 -21.80 12.83
CA LEU B 31 -18.59 -20.63 11.99
C LEU B 31 -20.10 -20.47 11.73
N GLU B 32 -20.85 -21.60 11.73
CA GLU B 32 -22.31 -21.63 11.55
C GLU B 32 -23.00 -20.78 12.62
N LYS B 33 -22.44 -20.77 13.85
CA LYS B 33 -22.90 -19.97 14.98
C LYS B 33 -22.53 -18.51 14.76
N GLN B 34 -23.50 -17.60 14.96
CA GLN B 34 -23.35 -16.15 14.78
C GLN B 34 -22.42 -15.48 15.82
N ASP B 35 -21.73 -16.29 16.66
CA ASP B 35 -20.80 -15.83 17.70
C ASP B 35 -19.59 -15.12 17.09
N LYS B 36 -19.04 -14.13 17.84
CA LYS B 36 -17.88 -13.34 17.44
C LYS B 36 -16.57 -14.15 17.49
N LYS B 37 -16.58 -15.31 18.18
CA LYS B 37 -15.44 -16.22 18.32
C LYS B 37 -15.10 -16.93 16.99
N THR B 38 -16.01 -16.87 15.99
CA THR B 38 -15.87 -17.47 14.67
C THR B 38 -14.80 -16.77 13.80
N ASP B 39 -14.38 -15.54 14.18
CA ASP B 39 -13.38 -14.71 13.47
C ASP B 39 -12.03 -15.43 13.31
N LYS B 40 -11.66 -16.30 14.28
CA LYS B 40 -10.42 -17.07 14.27
C LYS B 40 -10.58 -18.37 13.47
N ALA B 41 -11.81 -18.94 13.47
CA ALA B 41 -12.18 -20.18 12.76
C ALA B 41 -12.15 -19.99 11.23
N SER B 42 -12.45 -18.75 10.76
CA SER B 42 -12.44 -18.35 9.34
C SER B 42 -11.06 -18.50 8.73
N GLU B 43 -10.01 -18.23 9.54
CA GLU B 43 -8.60 -18.36 9.16
C GLU B 43 -8.25 -19.83 8.94
N GLU B 44 -8.80 -20.70 9.81
CA GLU B 44 -8.60 -22.16 9.77
C GLU B 44 -9.39 -22.80 8.62
N VAL B 45 -10.60 -22.28 8.32
CA VAL B 45 -11.47 -22.76 7.25
C VAL B 45 -10.82 -22.47 5.88
N SER B 46 -10.37 -21.21 5.67
CA SER B 46 -9.72 -20.76 4.43
C SER B 46 -8.41 -21.50 4.17
N LYS B 47 -7.62 -21.78 5.23
CA LYS B 47 -6.35 -22.51 5.16
C LYS B 47 -6.59 -23.97 4.77
N SER B 48 -7.71 -24.57 5.25
CA SER B 48 -8.11 -25.94 4.95
C SER B 48 -8.48 -26.09 3.47
N LEU B 49 -9.27 -25.11 2.95
CA LEU B 49 -9.72 -25.06 1.55
C LEU B 49 -8.55 -24.81 0.61
N GLN B 50 -7.57 -23.98 1.04
CA GLN B 50 -6.36 -23.66 0.27
C GLN B 50 -5.47 -24.90 0.11
N ALA B 51 -5.46 -25.79 1.13
CA ALA B 51 -4.68 -27.03 1.13
C ALA B 51 -5.32 -28.07 0.20
N MET B 52 -6.67 -28.16 0.20
CA MET B 52 -7.46 -29.08 -0.63
C MET B 52 -7.34 -28.75 -2.12
N LYS B 53 -7.30 -27.44 -2.46
CA LYS B 53 -7.17 -26.92 -3.83
C LYS B 53 -5.84 -27.35 -4.45
N GLU B 54 -4.76 -27.37 -3.64
CA GLU B 54 -3.41 -27.77 -4.03
C GLU B 54 -3.30 -29.27 -4.34
N ILE B 55 -4.20 -30.11 -3.75
CA ILE B 55 -4.22 -31.55 -3.96
C ILE B 55 -4.91 -31.86 -5.31
N LEU B 56 -6.13 -31.34 -5.50
CA LEU B 56 -6.96 -31.57 -6.69
C LEU B 56 -6.39 -30.93 -7.95
N CYS B 57 -6.12 -29.60 -7.93
CA CYS B 57 -5.62 -28.86 -9.08
C CYS B 57 -4.09 -28.93 -9.18
N GLY B 58 -3.39 -28.91 -8.05
CA GLY B 58 -1.93 -28.97 -8.02
C GLY B 58 -1.24 -27.67 -8.37
N THR B 59 0.11 -27.74 -8.50
CA THR B 59 1.00 -26.62 -8.84
C THR B 59 2.26 -27.13 -9.51
N PRO B 65 -0.66 -34.13 -9.16
CA PRO B 65 -0.84 -35.35 -8.36
C PRO B 65 -2.31 -35.77 -8.26
N THR B 66 -2.58 -37.08 -8.48
CA THR B 66 -3.94 -37.64 -8.45
C THR B 66 -4.03 -38.92 -7.58
N GLU B 67 -2.94 -39.24 -6.82
CA GLU B 67 -2.90 -40.40 -5.94
C GLU B 67 -3.74 -40.17 -4.69
N ALA B 68 -3.54 -39.03 -4.00
CA ALA B 68 -4.25 -38.65 -2.78
C ALA B 68 -5.65 -38.08 -3.07
N VAL B 69 -5.92 -37.71 -4.34
CA VAL B 69 -7.18 -37.14 -4.84
C VAL B 69 -8.33 -38.17 -4.67
N ALA B 70 -8.06 -39.45 -5.02
CA ALA B 70 -9.00 -40.57 -4.95
C ALA B 70 -9.66 -40.73 -3.57
N GLN B 71 -8.87 -40.61 -2.49
CA GLN B 71 -9.36 -40.72 -1.11
C GLN B 71 -10.05 -39.44 -0.63
N LEU B 72 -9.61 -38.26 -1.13
CA LEU B 72 -10.17 -36.96 -0.77
C LEU B 72 -11.66 -36.84 -1.18
N ALA B 73 -12.03 -37.42 -2.34
CA ALA B 73 -13.39 -37.40 -2.87
C ALA B 73 -14.39 -38.13 -1.97
N GLN B 74 -14.07 -39.39 -1.57
CA GLN B 74 -14.91 -40.23 -0.69
C GLN B 74 -15.09 -39.58 0.69
N GLU B 75 -14.06 -38.85 1.18
CA GLU B 75 -14.09 -38.13 2.45
C GLU B 75 -15.11 -36.97 2.40
N LEU B 76 -15.22 -36.30 1.24
CA LEU B 76 -16.13 -35.17 1.01
C LEU B 76 -17.58 -35.65 0.83
N TYR B 77 -17.78 -36.84 0.22
CA TYR B 77 -19.10 -37.42 0.00
C TYR B 77 -19.73 -37.91 1.30
N SER B 78 -19.02 -38.79 2.03
CA SER B 78 -19.45 -39.43 3.28
C SER B 78 -19.69 -38.42 4.42
N SER B 79 -18.90 -37.34 4.49
CA SER B 79 -19.05 -36.32 5.53
C SER B 79 -20.25 -35.41 5.30
N GLY B 80 -20.63 -35.23 4.03
CA GLY B 80 -21.73 -34.36 3.63
C GLY B 80 -21.32 -32.89 3.65
N LEU B 81 -19.99 -32.65 3.65
CA LEU B 81 -19.33 -31.34 3.70
C LEU B 81 -19.63 -30.52 2.44
N LEU B 82 -19.74 -31.20 1.29
CA LEU B 82 -20.05 -30.62 -0.02
C LEU B 82 -21.42 -29.94 -0.03
N VAL B 83 -22.28 -30.25 0.96
CA VAL B 83 -23.61 -29.68 1.14
C VAL B 83 -23.52 -28.44 2.05
N THR B 84 -22.82 -28.55 3.19
CA THR B 84 -22.66 -27.49 4.18
C THR B 84 -21.80 -26.32 3.67
N LEU B 85 -20.87 -26.61 2.72
CA LEU B 85 -19.99 -25.59 2.13
C LEU B 85 -20.77 -24.60 1.26
N ILE B 86 -21.84 -25.06 0.58
CA ILE B 86 -22.68 -24.18 -0.26
C ILE B 86 -23.70 -23.51 0.66
N ALA B 87 -24.19 -24.27 1.67
CA ALA B 87 -25.14 -23.80 2.68
C ALA B 87 -24.58 -22.62 3.47
N ASP B 88 -23.28 -22.69 3.83
CA ASP B 88 -22.61 -21.65 4.61
C ASP B 88 -21.56 -20.87 3.78
N LEU B 89 -21.79 -20.73 2.46
CA LEU B 89 -20.88 -20.05 1.54
C LEU B 89 -20.79 -18.54 1.82
N GLN B 90 -21.90 -17.93 2.27
CA GLN B 90 -21.95 -16.49 2.60
C GLN B 90 -21.13 -16.13 3.83
N LEU B 91 -20.85 -17.11 4.72
CA LEU B 91 -20.08 -16.91 5.95
C LEU B 91 -18.55 -17.07 5.74
N ILE B 92 -18.15 -17.57 4.55
CA ILE B 92 -16.75 -17.78 4.17
C ILE B 92 -16.18 -16.48 3.54
N ASP B 93 -14.88 -16.19 3.77
CA ASP B 93 -14.17 -15.02 3.22
C ASP B 93 -13.94 -15.18 1.71
N PHE B 94 -13.64 -14.05 1.01
CA PHE B 94 -13.42 -13.99 -0.45
C PHE B 94 -12.42 -15.05 -0.95
N GLU B 95 -11.22 -15.13 -0.34
CA GLU B 95 -10.16 -16.08 -0.70
C GLU B 95 -10.63 -17.54 -0.56
N GLY B 96 -11.31 -17.82 0.57
CA GLY B 96 -11.87 -19.14 0.88
C GLY B 96 -12.98 -19.55 -0.07
N LYS B 97 -13.89 -18.59 -0.40
CA LYS B 97 -15.01 -18.76 -1.34
C LYS B 97 -14.50 -19.21 -2.70
N LYS B 98 -13.41 -18.57 -3.21
CA LYS B 98 -12.76 -18.88 -4.50
C LYS B 98 -12.34 -20.34 -4.54
N ASP B 99 -11.73 -20.85 -3.44
CA ASP B 99 -11.27 -22.23 -3.28
C ASP B 99 -12.46 -23.21 -3.31
N VAL B 100 -13.59 -22.84 -2.65
CA VAL B 100 -14.83 -23.63 -2.61
C VAL B 100 -15.25 -23.94 -4.06
N THR B 101 -15.29 -22.88 -4.92
CA THR B 101 -15.65 -22.96 -6.33
C THR B 101 -14.68 -23.90 -7.06
N GLN B 102 -13.35 -23.69 -6.91
CA GLN B 102 -12.30 -24.51 -7.55
C GLN B 102 -12.44 -25.98 -7.19
N ILE B 103 -12.69 -26.29 -5.89
CA ILE B 103 -12.86 -27.64 -5.34
C ILE B 103 -14.11 -28.29 -5.98
N PHE B 104 -15.27 -27.61 -5.90
CA PHE B 104 -16.57 -28.07 -6.41
C PHE B 104 -16.51 -28.41 -7.91
N ASN B 105 -15.98 -27.49 -8.74
CA ASN B 105 -15.89 -27.65 -10.18
C ASN B 105 -14.92 -28.79 -10.60
N ASN B 106 -13.86 -29.03 -9.81
CA ASN B 106 -12.89 -30.10 -10.09
C ASN B 106 -13.47 -31.47 -9.74
N ILE B 107 -14.07 -31.59 -8.54
CA ILE B 107 -14.70 -32.80 -8.00
C ILE B 107 -15.85 -33.24 -8.93
N LEU B 108 -16.63 -32.28 -9.45
CA LEU B 108 -17.75 -32.50 -10.35
C LEU B 108 -17.34 -33.18 -11.68
N ARG B 109 -16.12 -32.90 -12.18
CA ARG B 109 -15.61 -33.47 -13.43
C ARG B 109 -14.87 -34.82 -13.23
N ARG B 110 -14.75 -35.30 -11.96
CA ARG B 110 -14.10 -36.56 -11.63
C ARG B 110 -14.90 -37.73 -12.19
N GLN B 111 -14.21 -38.69 -12.83
CA GLN B 111 -14.82 -39.86 -13.45
C GLN B 111 -14.05 -41.13 -13.11
N ILE B 112 -14.73 -42.07 -12.43
CA ILE B 112 -14.21 -43.40 -12.10
C ILE B 112 -14.93 -44.34 -13.05
N GLY B 113 -14.22 -44.75 -14.10
CA GLY B 113 -14.77 -45.61 -15.16
C GLY B 113 -15.77 -44.87 -16.01
N THR B 114 -16.94 -45.48 -16.25
CA THR B 114 -18.04 -44.89 -17.01
C THR B 114 -18.80 -43.90 -16.13
N ARG B 115 -18.93 -44.24 -14.84
CA ARG B 115 -19.63 -43.50 -13.79
C ARG B 115 -18.96 -42.18 -13.42
N SER B 116 -19.79 -41.15 -13.11
CA SER B 116 -19.35 -39.84 -12.61
C SER B 116 -19.85 -39.72 -11.16
N PRO B 117 -18.94 -39.96 -10.17
CA PRO B 117 -19.37 -40.03 -8.76
C PRO B 117 -20.07 -38.80 -8.18
N THR B 118 -19.67 -37.58 -8.58
CA THR B 118 -20.26 -36.35 -8.04
C THR B 118 -21.67 -36.14 -8.57
N VAL B 119 -21.91 -36.44 -9.86
CA VAL B 119 -23.23 -36.31 -10.50
C VAL B 119 -24.22 -37.24 -9.78
N GLU B 120 -23.77 -38.46 -9.43
CA GLU B 120 -24.53 -39.45 -8.68
C GLU B 120 -24.82 -38.94 -7.25
N TYR B 121 -23.83 -38.26 -6.62
CA TYR B 121 -23.93 -37.69 -5.28
C TYR B 121 -24.97 -36.56 -5.23
N ILE B 122 -24.88 -35.59 -6.14
CA ILE B 122 -25.80 -34.46 -6.22
C ILE B 122 -27.20 -34.96 -6.70
N SER B 123 -27.26 -36.16 -7.33
CA SER B 123 -28.56 -36.76 -7.72
C SER B 123 -29.27 -37.26 -6.47
N ALA B 124 -28.48 -37.80 -5.50
CA ALA B 124 -28.96 -38.29 -4.21
C ALA B 124 -29.14 -37.13 -3.22
N HIS B 125 -28.39 -36.02 -3.44
CA HIS B 125 -28.45 -34.81 -2.60
C HIS B 125 -28.89 -33.63 -3.50
N PRO B 126 -30.18 -33.52 -3.88
CA PRO B 126 -30.59 -32.44 -4.81
C PRO B 126 -30.59 -31.04 -4.18
N HIS B 127 -30.65 -30.93 -2.83
CA HIS B 127 -30.67 -29.66 -2.09
C HIS B 127 -29.51 -28.77 -2.52
N ILE B 128 -28.36 -29.38 -2.90
CA ILE B 128 -27.16 -28.70 -3.42
C ILE B 128 -27.55 -27.80 -4.60
N LEU B 129 -28.29 -28.36 -5.60
CA LEU B 129 -28.74 -27.66 -6.81
C LEU B 129 -29.65 -26.48 -6.51
N PHE B 130 -30.59 -26.65 -5.57
CA PHE B 130 -31.56 -25.62 -5.21
C PHE B 130 -30.93 -24.52 -4.36
N MET B 131 -29.88 -24.86 -3.57
CA MET B 131 -29.14 -23.88 -2.77
C MET B 131 -28.40 -22.93 -3.71
N LEU B 132 -27.81 -23.49 -4.80
CA LEU B 132 -27.10 -22.75 -5.85
C LEU B 132 -28.06 -21.82 -6.58
N LEU B 133 -29.28 -22.33 -6.91
CA LEU B 133 -30.33 -21.57 -7.59
C LEU B 133 -30.85 -20.44 -6.72
N LYS B 134 -31.10 -20.73 -5.41
CA LYS B 134 -31.55 -19.72 -4.43
C LYS B 134 -30.45 -18.66 -4.17
N GLY B 135 -29.23 -18.96 -4.64
CA GLY B 135 -28.07 -18.10 -4.54
C GLY B 135 -28.21 -16.81 -5.32
N TYR B 136 -29.08 -16.80 -6.36
CA TYR B 136 -29.34 -15.60 -7.17
C TYR B 136 -30.10 -14.52 -6.38
N GLU B 137 -30.62 -14.89 -5.20
CA GLU B 137 -31.33 -13.99 -4.30
C GLU B 137 -30.33 -13.18 -3.47
N ALA B 138 -29.16 -13.77 -3.14
CA ALA B 138 -28.10 -13.11 -2.39
C ALA B 138 -27.02 -12.56 -3.34
N PRO B 139 -26.91 -11.23 -3.53
CA PRO B 139 -25.93 -10.68 -4.49
C PRO B 139 -24.46 -10.99 -4.17
N GLN B 140 -24.13 -11.17 -2.87
CA GLN B 140 -22.78 -11.46 -2.39
C GLN B 140 -22.23 -12.80 -2.93
N ILE B 141 -23.11 -13.76 -3.30
CA ILE B 141 -22.72 -15.09 -3.79
C ILE B 141 -23.38 -15.50 -5.14
N ALA B 142 -24.31 -14.67 -5.68
CA ALA B 142 -25.10 -14.91 -6.89
C ALA B 142 -24.28 -15.38 -8.10
N LEU B 143 -23.23 -14.63 -8.48
CA LEU B 143 -22.39 -14.94 -9.63
C LEU B 143 -21.55 -16.21 -9.38
N ARG B 144 -21.06 -16.41 -8.14
CA ARG B 144 -20.28 -17.60 -7.73
C ARG B 144 -21.16 -18.85 -7.85
N CYS B 145 -22.43 -18.74 -7.37
CA CYS B 145 -23.44 -19.78 -7.43
C CYS B 145 -23.79 -20.10 -8.88
N GLY B 146 -23.92 -19.03 -9.69
CA GLY B 146 -24.24 -19.10 -11.12
C GLY B 146 -23.26 -19.94 -11.91
N ILE B 147 -21.95 -19.80 -11.59
CA ILE B 147 -20.86 -20.55 -12.21
C ILE B 147 -21.00 -22.04 -11.84
N MET B 148 -21.11 -22.36 -10.54
CA MET B 148 -21.22 -23.74 -10.04
C MET B 148 -22.51 -24.41 -10.54
N LEU B 149 -23.65 -23.68 -10.56
CA LEU B 149 -24.94 -24.19 -11.04
C LEU B 149 -24.90 -24.47 -12.55
N ARG B 150 -24.11 -23.68 -13.30
CA ARG B 150 -23.95 -23.86 -14.74
C ARG B 150 -23.04 -25.08 -15.05
N GLU B 151 -22.13 -25.42 -14.11
CA GLU B 151 -21.23 -26.56 -14.19
C GLU B 151 -22.02 -27.85 -13.96
N CYS B 152 -23.02 -27.76 -13.05
CA CYS B 152 -23.95 -28.83 -12.68
C CYS B 152 -24.82 -29.20 -13.87
N ILE B 153 -25.48 -28.18 -14.47
CA ILE B 153 -26.45 -28.34 -15.57
C ILE B 153 -25.77 -28.75 -16.91
N ARG B 154 -24.46 -29.07 -16.88
CA ARG B 154 -23.72 -29.60 -18.04
C ARG B 154 -24.14 -31.05 -18.21
N HIS B 155 -24.44 -31.72 -17.08
CA HIS B 155 -24.84 -33.13 -16.96
C HIS B 155 -26.36 -33.24 -17.01
N GLU B 156 -26.88 -34.10 -17.92
CA GLU B 156 -28.30 -34.33 -18.13
C GLU B 156 -29.07 -34.64 -16.83
N PRO B 157 -28.62 -35.52 -15.88
CA PRO B 157 -29.42 -35.78 -14.67
C PRO B 157 -29.60 -34.55 -13.77
N LEU B 158 -28.54 -33.74 -13.59
CA LEU B 158 -28.60 -32.54 -12.74
C LEU B 158 -29.48 -31.48 -13.39
N ALA B 159 -29.43 -31.39 -14.74
CA ALA B 159 -30.24 -30.48 -15.55
C ALA B 159 -31.73 -30.88 -15.53
N LYS B 160 -32.01 -32.19 -15.42
CA LYS B 160 -33.36 -32.77 -15.35
C LYS B 160 -34.05 -32.39 -14.03
N ILE B 161 -33.31 -32.47 -12.89
CA ILE B 161 -33.79 -32.17 -11.54
C ILE B 161 -34.28 -30.71 -11.44
N ILE B 162 -33.50 -29.74 -11.93
CA ILE B 162 -33.87 -28.32 -11.87
C ILE B 162 -35.02 -28.02 -12.83
N LEU B 163 -34.91 -28.48 -14.09
CA LEU B 163 -35.88 -28.27 -15.16
C LEU B 163 -37.30 -28.63 -14.72
N PHE B 164 -37.50 -29.86 -14.24
CA PHE B 164 -38.79 -30.41 -13.80
C PHE B 164 -39.21 -29.99 -12.39
N SER B 165 -38.39 -29.20 -11.68
CA SER B 165 -38.74 -28.72 -10.34
C SER B 165 -39.62 -27.49 -10.42
N ASN B 166 -40.35 -27.19 -9.33
CA ASN B 166 -41.20 -26.00 -9.22
C ASN B 166 -40.32 -24.76 -9.06
N GLN B 167 -39.09 -24.96 -8.56
CA GLN B 167 -38.08 -23.92 -8.36
C GLN B 167 -37.51 -23.40 -9.69
N PHE B 168 -37.81 -24.06 -10.82
CA PHE B 168 -37.37 -23.60 -12.15
C PHE B 168 -38.06 -22.29 -12.50
N ARG B 169 -39.35 -22.16 -12.09
CA ARG B 169 -40.20 -20.98 -12.30
C ARG B 169 -39.59 -19.70 -11.69
N ASP B 170 -38.72 -19.85 -10.66
CA ASP B 170 -38.01 -18.76 -9.98
C ASP B 170 -37.11 -17.97 -10.94
N PHE B 171 -36.67 -18.64 -12.05
CA PHE B 171 -35.81 -18.04 -13.08
C PHE B 171 -36.44 -16.82 -13.71
N PHE B 172 -37.75 -16.88 -14.03
CA PHE B 172 -38.52 -15.78 -14.66
C PHE B 172 -38.49 -14.52 -13.78
N LYS B 173 -38.37 -14.70 -12.46
CA LYS B 173 -38.25 -13.62 -11.49
C LYS B 173 -36.77 -13.19 -11.39
N TYR B 174 -35.84 -14.17 -11.44
CA TYR B 174 -34.40 -13.95 -11.35
C TYR B 174 -33.83 -13.21 -12.57
N VAL B 175 -34.38 -13.45 -13.78
CA VAL B 175 -33.91 -12.77 -15.00
C VAL B 175 -34.39 -11.30 -15.01
N GLU B 176 -35.38 -10.98 -14.16
CA GLU B 176 -35.93 -9.64 -14.01
C GLU B 176 -35.37 -8.96 -12.74
N LEU B 177 -34.13 -9.34 -12.32
CA LEU B 177 -33.47 -8.76 -11.15
C LEU B 177 -32.86 -7.40 -11.50
N SER B 178 -33.01 -6.42 -10.58
CA SER B 178 -32.53 -5.03 -10.72
C SER B 178 -31.05 -4.95 -11.13
N THR B 179 -30.17 -5.84 -10.59
CA THR B 179 -28.75 -5.87 -10.94
C THR B 179 -28.62 -6.51 -12.31
N PHE B 180 -28.04 -5.77 -13.28
CA PHE B 180 -27.88 -6.21 -14.66
C PHE B 180 -27.04 -7.50 -14.76
N ASP B 181 -25.84 -7.50 -14.16
CA ASP B 181 -24.89 -8.61 -14.18
C ASP B 181 -25.52 -9.94 -13.68
N ILE B 182 -26.25 -9.89 -12.53
CA ILE B 182 -26.89 -11.05 -11.93
C ILE B 182 -28.03 -11.52 -12.84
N ALA B 183 -28.89 -10.58 -13.34
CA ALA B 183 -30.00 -10.88 -14.25
C ALA B 183 -29.47 -11.50 -15.55
N SER B 184 -28.31 -10.99 -16.03
CA SER B 184 -27.62 -11.49 -17.22
C SER B 184 -27.10 -12.90 -16.95
N ASP B 185 -26.50 -13.13 -15.75
CA ASP B 185 -25.95 -14.42 -15.31
C ASP B 185 -27.05 -15.44 -15.12
N ALA B 186 -28.26 -15.00 -14.71
CA ALA B 186 -29.41 -15.88 -14.51
C ALA B 186 -29.95 -16.30 -15.86
N PHE B 187 -30.06 -15.35 -16.83
CA PHE B 187 -30.52 -15.64 -18.19
C PHE B 187 -29.58 -16.66 -18.84
N ALA B 188 -28.26 -16.52 -18.60
CA ALA B 188 -27.23 -17.43 -19.07
C ALA B 188 -27.59 -18.89 -18.68
N THR B 189 -27.78 -19.12 -17.36
CA THR B 189 -28.14 -20.40 -16.73
C THR B 189 -29.52 -20.88 -17.24
N PHE B 190 -30.48 -19.94 -17.41
CA PHE B 190 -31.84 -20.18 -17.92
C PHE B 190 -31.79 -20.67 -19.39
N LYS B 191 -31.04 -19.95 -20.26
CA LYS B 191 -30.83 -20.25 -21.68
C LYS B 191 -30.18 -21.63 -21.83
N ASP B 192 -29.16 -21.94 -20.99
CA ASP B 192 -28.42 -23.21 -21.01
C ASP B 192 -29.35 -24.38 -20.69
N LEU B 193 -30.23 -24.22 -19.69
CA LEU B 193 -31.18 -25.24 -19.28
C LEU B 193 -32.19 -25.57 -20.38
N LEU B 194 -32.55 -24.60 -21.23
CA LEU B 194 -33.54 -24.79 -22.30
C LEU B 194 -32.92 -25.08 -23.69
N THR B 195 -31.58 -25.13 -23.80
CA THR B 195 -30.96 -25.35 -25.11
C THR B 195 -29.89 -26.47 -25.13
N ARG B 196 -29.31 -26.85 -23.97
CA ARG B 196 -28.25 -27.86 -23.94
C ARG B 196 -28.77 -29.29 -24.28
N HIS B 197 -29.57 -29.91 -23.39
CA HIS B 197 -30.11 -31.27 -23.56
C HIS B 197 -31.45 -31.16 -24.29
N LYS B 198 -31.37 -31.05 -25.63
CA LYS B 198 -32.48 -30.83 -26.57
C LYS B 198 -33.57 -31.91 -26.51
N VAL B 199 -33.20 -33.17 -26.23
CA VAL B 199 -34.15 -34.27 -26.12
C VAL B 199 -34.92 -34.12 -24.78
N LEU B 200 -34.20 -33.77 -23.70
CA LEU B 200 -34.76 -33.56 -22.36
C LEU B 200 -35.69 -32.34 -22.32
N VAL B 201 -35.25 -31.21 -22.93
CA VAL B 201 -35.98 -29.93 -22.95
C VAL B 201 -37.30 -30.07 -23.71
N ALA B 202 -37.26 -30.69 -24.92
CA ALA B 202 -38.44 -30.91 -25.78
C ALA B 202 -39.54 -31.65 -25.02
N ASP B 203 -39.18 -32.73 -24.30
CA ASP B 203 -40.10 -33.54 -23.50
C ASP B 203 -40.65 -32.72 -22.32
N PHE B 204 -39.77 -31.93 -21.66
CA PHE B 204 -40.15 -31.09 -20.53
C PHE B 204 -41.16 -30.02 -20.94
N LEU B 205 -40.82 -29.23 -21.99
CA LEU B 205 -41.65 -28.15 -22.53
C LEU B 205 -43.02 -28.67 -22.96
N GLU B 206 -43.07 -29.88 -23.56
CA GLU B 206 -44.32 -30.55 -23.97
C GLU B 206 -45.23 -30.82 -22.76
N GLN B 207 -44.62 -31.22 -21.62
CA GLN B 207 -45.34 -31.56 -20.40
C GLN B 207 -45.87 -30.33 -19.66
N ASN B 208 -45.02 -29.30 -19.48
CA ASN B 208 -45.40 -28.11 -18.72
C ASN B 208 -45.68 -26.87 -19.60
N TYR B 209 -46.08 -27.07 -20.88
CA TYR B 209 -46.34 -26.00 -21.86
C TYR B 209 -47.19 -24.83 -21.31
N ASP B 210 -48.44 -25.11 -20.90
CA ASP B 210 -49.41 -24.12 -20.45
C ASP B 210 -48.89 -23.21 -19.32
N THR B 211 -48.19 -23.79 -18.33
CA THR B 211 -47.63 -23.03 -17.20
C THR B 211 -46.31 -22.33 -17.53
N ILE B 212 -45.42 -22.99 -18.29
CA ILE B 212 -44.10 -22.46 -18.65
C ILE B 212 -44.18 -21.31 -19.68
N PHE B 213 -45.17 -21.32 -20.60
CA PHE B 213 -45.32 -20.27 -21.60
C PHE B 213 -46.14 -19.09 -21.08
N GLU B 214 -46.92 -19.32 -19.99
CA GLU B 214 -47.69 -18.27 -19.32
C GLU B 214 -46.68 -17.31 -18.65
N ASP B 215 -45.56 -17.88 -18.15
CA ASP B 215 -44.46 -17.18 -17.51
C ASP B 215 -43.58 -16.49 -18.55
N TYR B 216 -43.33 -17.16 -19.70
CA TYR B 216 -42.49 -16.66 -20.79
C TYR B 216 -43.10 -15.42 -21.46
N GLU B 217 -44.44 -15.36 -21.51
CA GLU B 217 -45.20 -14.24 -22.07
C GLU B 217 -44.84 -12.94 -21.34
N LYS B 218 -44.63 -13.03 -20.00
CA LYS B 218 -44.25 -11.92 -19.13
C LYS B 218 -42.86 -11.35 -19.49
N LEU B 219 -41.97 -12.20 -20.05
CA LEU B 219 -40.63 -11.80 -20.48
C LEU B 219 -40.69 -11.01 -21.79
N LEU B 220 -41.64 -11.37 -22.67
CA LEU B 220 -41.86 -10.71 -23.97
C LEU B 220 -42.58 -9.38 -23.74
N GLN B 221 -43.23 -9.24 -22.57
CA GLN B 221 -43.98 -8.07 -22.12
C GLN B 221 -43.12 -7.16 -21.22
N SER B 222 -41.88 -7.58 -20.91
CA SER B 222 -40.94 -6.91 -20.01
C SER B 222 -40.61 -5.49 -20.46
N GLU B 223 -40.50 -4.57 -19.47
CA GLU B 223 -40.15 -3.16 -19.68
C GLU B 223 -38.65 -3.05 -19.98
N ASN B 224 -37.86 -4.06 -19.55
CA ASN B 224 -36.42 -4.18 -19.78
C ASN B 224 -36.16 -4.52 -21.24
N TYR B 225 -35.37 -3.69 -21.93
CA TYR B 225 -35.03 -3.86 -23.36
C TYR B 225 -34.25 -5.15 -23.59
N VAL B 226 -33.21 -5.41 -22.78
CA VAL B 226 -32.34 -6.58 -22.89
C VAL B 226 -33.16 -7.85 -22.64
N THR B 227 -33.95 -7.91 -21.55
CA THR B 227 -34.79 -9.08 -21.25
C THR B 227 -35.80 -9.30 -22.41
N LYS B 228 -36.47 -8.21 -22.90
CA LYS B 228 -37.42 -8.29 -24.02
C LYS B 228 -36.74 -8.78 -25.31
N ARG B 229 -35.50 -8.34 -25.59
CA ARG B 229 -34.75 -8.72 -26.79
C ARG B 229 -34.25 -10.16 -26.74
N GLN B 230 -33.56 -10.53 -25.62
CA GLN B 230 -32.98 -11.86 -25.41
C GLN B 230 -34.06 -12.94 -25.39
N SER B 231 -35.20 -12.69 -24.69
CA SER B 231 -36.33 -13.61 -24.57
C SER B 231 -37.00 -13.86 -25.91
N LEU B 232 -37.16 -12.80 -26.71
CA LEU B 232 -37.74 -12.85 -28.05
C LEU B 232 -36.81 -13.63 -28.99
N LYS B 233 -35.49 -13.43 -28.86
CA LYS B 233 -34.47 -14.12 -29.65
C LYS B 233 -34.42 -15.61 -29.28
N LEU B 234 -34.41 -15.95 -27.97
CA LEU B 234 -34.38 -17.32 -27.47
C LEU B 234 -35.65 -18.08 -27.88
N LEU B 235 -36.83 -17.40 -27.83
CA LEU B 235 -38.11 -17.96 -28.25
C LEU B 235 -38.04 -18.39 -29.70
N GLY B 236 -37.49 -17.51 -30.55
CA GLY B 236 -37.28 -17.76 -31.97
C GLY B 236 -36.34 -18.93 -32.18
N GLU B 237 -35.27 -19.00 -31.35
CA GLU B 237 -34.26 -20.06 -31.38
C GLU B 237 -34.87 -21.42 -30.99
N LEU B 238 -35.71 -21.44 -29.94
CA LEU B 238 -36.40 -22.63 -29.41
C LEU B 238 -37.36 -23.24 -30.45
N ILE B 239 -38.27 -22.41 -30.99
CA ILE B 239 -39.31 -22.76 -31.96
C ILE B 239 -38.71 -23.33 -33.27
N LEU B 240 -37.57 -22.79 -33.73
CA LEU B 240 -36.93 -23.22 -34.98
C LEU B 240 -36.14 -24.53 -34.84
N ASP B 241 -35.89 -25.01 -33.61
CA ASP B 241 -35.15 -26.27 -33.40
C ASP B 241 -36.05 -27.45 -33.75
N ARG B 242 -35.45 -28.48 -34.38
CA ARG B 242 -36.14 -29.69 -34.82
C ARG B 242 -36.81 -30.44 -33.66
N HIS B 243 -36.14 -30.52 -32.48
CA HIS B 243 -36.66 -31.21 -31.29
C HIS B 243 -37.95 -30.58 -30.75
N ASN B 244 -38.12 -29.27 -30.92
CA ASN B 244 -39.28 -28.54 -30.39
C ASN B 244 -40.42 -28.35 -31.40
N PHE B 245 -40.65 -29.36 -32.29
CA PHE B 245 -41.71 -29.32 -33.31
C PHE B 245 -43.11 -29.22 -32.67
N ALA B 246 -43.37 -30.04 -31.63
CA ALA B 246 -44.66 -30.07 -30.92
C ALA B 246 -44.96 -28.72 -30.27
N ILE B 247 -43.92 -28.10 -29.69
CA ILE B 247 -43.98 -26.81 -29.01
C ILE B 247 -44.20 -25.70 -30.06
N MET B 248 -43.48 -25.77 -31.20
CA MET B 248 -43.58 -24.82 -32.31
C MET B 248 -45.02 -24.79 -32.84
N THR B 249 -45.58 -25.97 -33.14
CA THR B 249 -46.95 -26.15 -33.66
C THR B 249 -47.97 -25.62 -32.64
N LYS B 250 -47.73 -25.83 -31.33
CA LYS B 250 -48.62 -25.38 -30.27
C LYS B 250 -48.57 -23.86 -30.09
N TYR B 251 -47.38 -23.24 -30.25
CA TYR B 251 -47.19 -21.80 -30.08
C TYR B 251 -47.84 -21.02 -31.22
N ILE B 252 -47.61 -21.43 -32.48
CA ILE B 252 -48.13 -20.75 -33.66
C ILE B 252 -49.63 -21.05 -33.91
N SER B 253 -50.26 -21.93 -33.10
CA SER B 253 -51.68 -22.25 -33.23
C SER B 253 -52.54 -21.28 -32.41
N LYS B 254 -51.97 -20.71 -31.32
CA LYS B 254 -52.66 -19.78 -30.42
C LYS B 254 -52.79 -18.38 -31.06
N PRO B 255 -54.04 -17.83 -31.12
CA PRO B 255 -54.25 -16.53 -31.79
C PRO B 255 -53.62 -15.33 -31.06
N GLU B 256 -53.66 -15.31 -29.71
CA GLU B 256 -53.12 -14.21 -28.89
C GLU B 256 -51.59 -14.08 -29.02
N ASN B 257 -50.90 -15.17 -29.43
CA ASN B 257 -49.45 -15.19 -29.63
C ASN B 257 -49.07 -14.43 -30.90
N LEU B 258 -49.88 -14.57 -31.97
CA LEU B 258 -49.67 -13.87 -33.25
C LEU B 258 -49.91 -12.37 -33.05
N LYS B 259 -50.98 -12.03 -32.30
CA LYS B 259 -51.37 -10.65 -31.97
C LYS B 259 -50.21 -9.94 -31.25
N LEU B 260 -49.53 -10.66 -30.33
CA LEU B 260 -48.37 -10.16 -29.58
C LEU B 260 -47.21 -9.87 -30.52
N MET B 261 -46.90 -10.83 -31.43
CA MET B 261 -45.82 -10.68 -32.41
C MET B 261 -46.12 -9.53 -33.37
N MET B 262 -47.41 -9.38 -33.77
CA MET B 262 -47.88 -8.30 -34.65
C MET B 262 -47.78 -6.95 -33.93
N ASN B 263 -47.99 -6.93 -32.60
CA ASN B 263 -47.88 -5.72 -31.78
C ASN B 263 -46.42 -5.34 -31.55
N LEU B 264 -45.54 -6.36 -31.40
CA LEU B 264 -44.11 -6.16 -31.18
C LEU B 264 -43.41 -5.66 -32.47
N LEU B 265 -44.03 -5.89 -33.66
CA LEU B 265 -43.49 -5.40 -34.93
C LEU B 265 -43.64 -3.88 -35.02
N ARG B 266 -44.50 -3.30 -34.16
CA ARG B 266 -44.82 -1.88 -34.04
C ARG B 266 -44.12 -1.22 -32.82
N ASP B 267 -43.21 -1.95 -32.13
CA ASP B 267 -42.44 -1.48 -30.97
C ASP B 267 -41.52 -0.32 -31.36
N LYS B 268 -41.26 0.61 -30.42
CA LYS B 268 -40.41 1.80 -30.63
C LYS B 268 -38.94 1.44 -30.94
N SER B 269 -38.55 0.16 -30.71
CA SER B 269 -37.20 -0.35 -30.94
C SER B 269 -37.13 -1.19 -32.23
N PRO B 270 -36.33 -0.75 -33.24
CA PRO B 270 -36.20 -1.53 -34.48
C PRO B 270 -35.54 -2.90 -34.28
N ASN B 271 -34.70 -3.05 -33.23
CA ASN B 271 -34.05 -4.31 -32.90
C ASN B 271 -35.05 -5.33 -32.37
N ILE B 272 -36.00 -4.85 -31.52
CA ILE B 272 -37.10 -5.65 -30.94
C ILE B 272 -38.06 -6.08 -32.06
N GLN B 273 -38.43 -5.15 -32.96
CA GLN B 273 -39.36 -5.46 -34.04
C GLN B 273 -38.71 -6.40 -35.09
N PHE B 274 -37.36 -6.42 -35.17
CA PHE B 274 -36.66 -7.33 -36.08
C PHE B 274 -36.65 -8.73 -35.47
N GLU B 275 -36.42 -8.83 -34.15
CA GLU B 275 -36.41 -10.10 -33.40
C GLU B 275 -37.81 -10.74 -33.37
N ALA B 276 -38.85 -9.90 -33.45
CA ALA B 276 -40.26 -10.30 -33.47
C ALA B 276 -40.62 -10.91 -34.82
N PHE B 277 -40.07 -10.34 -35.92
CA PHE B 277 -40.27 -10.76 -37.31
C PHE B 277 -39.88 -12.24 -37.52
N HIS B 278 -38.83 -12.71 -36.81
CA HIS B 278 -38.36 -14.09 -36.91
C HIS B 278 -39.30 -15.06 -36.22
N VAL B 279 -40.04 -14.60 -35.21
CA VAL B 279 -41.04 -15.42 -34.52
C VAL B 279 -42.32 -15.36 -35.37
N PHE B 280 -42.64 -14.15 -35.92
CA PHE B 280 -43.81 -13.86 -36.76
C PHE B 280 -43.80 -14.67 -38.08
N LYS B 281 -42.63 -14.76 -38.76
CA LYS B 281 -42.48 -15.47 -40.04
C LYS B 281 -42.87 -16.97 -39.93
N VAL B 282 -42.63 -17.59 -38.75
CA VAL B 282 -42.95 -18.99 -38.46
C VAL B 282 -44.48 -19.19 -38.54
N PHE B 283 -45.26 -18.24 -37.97
CA PHE B 283 -46.73 -18.25 -37.97
C PHE B 283 -47.31 -18.25 -39.39
N VAL B 284 -46.73 -17.44 -40.28
CA VAL B 284 -47.20 -17.21 -41.66
C VAL B 284 -46.78 -18.34 -42.62
N ALA B 285 -45.50 -18.77 -42.60
CA ALA B 285 -44.92 -19.77 -43.51
C ALA B 285 -45.46 -21.21 -43.34
N SER B 286 -46.15 -21.53 -42.22
CA SER B 286 -46.67 -22.89 -41.98
C SER B 286 -47.87 -23.24 -42.88
N PRO B 287 -47.89 -24.46 -43.47
CA PRO B 287 -49.03 -24.84 -44.32
C PRO B 287 -50.27 -25.22 -43.50
N HIS B 288 -50.08 -25.80 -42.30
CA HIS B 288 -51.18 -26.22 -41.44
C HIS B 288 -51.48 -25.13 -40.38
N LYS B 289 -51.97 -23.96 -40.85
CA LYS B 289 -52.36 -22.83 -40.00
C LYS B 289 -53.79 -23.03 -39.50
N THR B 290 -54.02 -22.85 -38.17
CA THR B 290 -55.35 -22.99 -37.56
C THR B 290 -56.26 -21.87 -38.04
N GLN B 291 -57.58 -22.13 -38.12
CA GLN B 291 -58.57 -21.16 -38.58
C GLN B 291 -58.52 -19.82 -37.81
N PRO B 292 -58.42 -19.74 -36.45
CA PRO B 292 -58.33 -18.41 -35.80
C PRO B 292 -57.13 -17.58 -36.29
N ILE B 293 -56.01 -18.24 -36.63
CA ILE B 293 -54.77 -17.64 -37.14
C ILE B 293 -55.02 -17.12 -38.57
N VAL B 294 -55.66 -17.95 -39.43
CA VAL B 294 -56.01 -17.64 -40.82
C VAL B 294 -56.92 -16.39 -40.85
N GLU B 295 -57.87 -16.29 -39.90
CA GLU B 295 -58.79 -15.17 -39.77
C GLU B 295 -58.06 -13.86 -39.46
N ILE B 296 -57.09 -13.88 -38.51
CA ILE B 296 -56.28 -12.70 -38.12
C ILE B 296 -55.46 -12.22 -39.32
N LEU B 297 -54.76 -13.16 -40.01
CA LEU B 297 -53.92 -12.86 -41.17
C LEU B 297 -54.75 -12.34 -42.35
N LEU B 298 -55.99 -12.83 -42.54
CA LEU B 298 -56.88 -12.36 -43.61
C LEU B 298 -57.49 -11.00 -43.26
N LYS B 299 -57.78 -10.76 -41.97
CA LYS B 299 -58.35 -9.51 -41.45
C LYS B 299 -57.35 -8.34 -41.59
N ASN B 300 -56.05 -8.66 -41.65
CA ASN B 300 -54.94 -7.70 -41.77
C ASN B 300 -54.12 -7.96 -43.06
N GLN B 301 -54.73 -8.65 -44.06
CA GLN B 301 -54.11 -9.03 -45.33
C GLN B 301 -53.48 -7.82 -46.08
N PRO B 302 -54.22 -6.75 -46.50
CA PRO B 302 -53.53 -5.64 -47.19
C PRO B 302 -52.65 -4.80 -46.28
N LYS B 303 -52.99 -4.73 -44.97
CA LYS B 303 -52.26 -4.01 -43.92
C LYS B 303 -50.83 -4.54 -43.81
N LEU B 304 -50.69 -5.90 -43.71
CA LEU B 304 -49.40 -6.58 -43.60
C LEU B 304 -48.61 -6.54 -44.91
N ILE B 305 -49.30 -6.46 -46.09
CA ILE B 305 -48.67 -6.39 -47.42
C ILE B 305 -47.84 -5.10 -47.50
N GLU B 306 -48.46 -3.95 -47.17
CA GLU B 306 -47.81 -2.64 -47.22
C GLU B 306 -46.79 -2.47 -46.10
N PHE B 307 -47.05 -3.09 -44.93
CA PHE B 307 -46.13 -3.03 -43.79
C PHE B 307 -44.77 -3.63 -44.17
N LEU B 308 -44.77 -4.93 -44.52
CA LEU B 308 -43.61 -5.72 -44.92
C LEU B 308 -42.90 -5.16 -46.16
N SER B 309 -43.64 -4.46 -47.05
CA SER B 309 -43.09 -3.84 -48.26
C SER B 309 -42.14 -2.68 -47.91
N SER B 310 -42.40 -1.98 -46.79
CA SER B 310 -41.61 -0.84 -46.33
C SER B 310 -40.86 -1.12 -45.01
N PHE B 311 -41.05 -2.33 -44.44
CA PHE B 311 -40.44 -2.74 -43.17
C PHE B 311 -38.92 -2.90 -43.28
N GLN B 312 -38.19 -2.05 -42.53
CA GLN B 312 -36.74 -1.98 -42.39
C GLN B 312 -36.02 -2.06 -43.75
N LYS B 313 -36.27 -1.05 -44.60
CA LYS B 313 -35.68 -0.94 -45.93
C LYS B 313 -34.19 -0.55 -45.87
N GLU B 314 -33.74 -0.03 -44.70
CA GLU B 314 -32.37 0.40 -44.40
C GLU B 314 -31.39 -0.78 -44.39
N ARG B 315 -31.87 -1.99 -44.08
CA ARG B 315 -31.09 -3.22 -44.04
C ARG B 315 -30.81 -3.71 -45.47
N THR B 316 -29.82 -3.07 -46.14
CA THR B 316 -29.44 -3.35 -47.53
C THR B 316 -28.56 -4.61 -47.62
N ASP B 317 -27.51 -4.72 -46.78
CA ASP B 317 -26.59 -5.87 -46.76
C ASP B 317 -27.19 -7.06 -46.00
N ASP B 318 -28.39 -7.50 -46.44
CA ASP B 318 -29.16 -8.62 -45.90
C ASP B 318 -30.12 -9.12 -46.99
N GLU B 319 -29.59 -9.97 -47.88
CA GLU B 319 -30.33 -10.57 -49.01
C GLU B 319 -31.39 -11.55 -48.51
N GLN B 320 -31.10 -12.28 -47.40
CA GLN B 320 -31.98 -13.27 -46.79
C GLN B 320 -33.26 -12.60 -46.31
N PHE B 321 -33.13 -11.46 -45.56
CA PHE B 321 -34.24 -10.68 -45.01
C PHE B 321 -35.12 -10.11 -46.14
N ALA B 322 -34.50 -9.68 -47.25
CA ALA B 322 -35.21 -9.14 -48.42
C ALA B 322 -36.07 -10.24 -49.06
N ASP B 323 -35.50 -11.46 -49.22
CA ASP B 323 -36.19 -12.62 -49.78
C ASP B 323 -37.27 -13.13 -48.82
N GLU B 324 -36.97 -13.13 -47.49
CA GLU B 324 -37.89 -13.56 -46.43
C GLU B 324 -39.16 -12.71 -46.40
N LYS B 325 -39.02 -11.37 -46.57
CA LYS B 325 -40.15 -10.43 -46.58
C LYS B 325 -41.07 -10.71 -47.79
N ASN B 326 -40.48 -10.84 -49.00
CA ASN B 326 -41.19 -11.11 -50.25
C ASN B 326 -41.95 -12.43 -50.21
N TYR B 327 -41.39 -13.45 -49.50
CA TYR B 327 -42.03 -14.76 -49.35
C TYR B 327 -43.28 -14.61 -48.50
N LEU B 328 -43.19 -13.89 -47.35
CA LEU B 328 -44.33 -13.66 -46.45
C LEU B 328 -45.41 -12.81 -47.11
N ILE B 329 -45.01 -11.83 -47.97
CA ILE B 329 -45.92 -10.97 -48.73
C ILE B 329 -46.72 -11.87 -49.70
N LYS B 330 -46.04 -12.79 -50.41
CA LYS B 330 -46.68 -13.73 -51.32
C LYS B 330 -47.61 -14.67 -50.56
N GLN B 331 -47.15 -15.26 -49.44
CA GLN B 331 -47.90 -16.17 -48.57
C GLN B 331 -49.18 -15.54 -48.04
N ILE B 332 -49.14 -14.22 -47.72
CA ILE B 332 -50.30 -13.47 -47.23
C ILE B 332 -51.24 -13.17 -48.42
N ARG B 333 -50.69 -12.81 -49.60
CA ARG B 333 -51.47 -12.52 -50.81
C ARG B 333 -52.15 -13.79 -51.36
N ASP B 334 -51.52 -14.97 -51.17
CA ASP B 334 -52.04 -16.26 -51.64
C ASP B 334 -53.13 -16.82 -50.70
N LEU B 335 -53.27 -16.26 -49.48
CA LEU B 335 -54.25 -16.68 -48.49
C LEU B 335 -55.68 -16.53 -48.98
N LYS B 336 -56.51 -17.54 -48.69
CA LYS B 336 -57.93 -17.62 -49.05
C LYS B 336 -58.71 -18.31 -47.93
N LYS B 337 -60.05 -18.17 -47.94
CA LYS B 337 -60.93 -18.78 -46.93
C LYS B 337 -61.11 -20.28 -47.18
N TYR C 19 -42.28 1.09 -5.44
CA TYR C 19 -42.08 0.54 -6.78
C TYR C 19 -41.71 -0.93 -6.70
N PHE C 20 -41.00 -1.34 -5.62
CA PHE C 20 -40.52 -2.72 -5.34
C PHE C 20 -39.54 -3.21 -6.46
N GLN C 21 -38.78 -2.24 -7.05
CA GLN C 21 -37.77 -2.41 -8.09
C GLN C 21 -36.74 -1.29 -7.96
N SER C 22 -35.45 -1.64 -7.67
CA SER C 22 -34.34 -0.71 -7.43
C SER C 22 -34.09 0.31 -8.56
N MET C 23 -34.32 -0.09 -9.83
CA MET C 23 -34.14 0.73 -11.04
C MET C 23 -32.66 1.18 -11.23
N ASP C 24 -32.22 2.28 -10.54
CA ASP C 24 -30.89 2.92 -10.55
C ASP C 24 -30.59 3.59 -11.92
N PRO C 25 -30.33 4.93 -11.95
CA PRO C 25 -30.10 5.59 -13.24
C PRO C 25 -28.61 5.89 -13.56
N GLU C 26 -28.20 7.13 -13.29
CA GLU C 26 -26.89 7.70 -13.54
C GLU C 26 -26.43 8.54 -12.35
N GLU C 27 -27.40 9.01 -11.52
CA GLU C 27 -27.27 9.84 -10.32
C GLU C 27 -26.12 9.41 -9.36
N LEU C 28 -25.62 8.17 -9.50
CA LEU C 28 -24.51 7.63 -8.69
C LEU C 28 -23.15 8.04 -9.30
N PHE C 29 -23.16 8.63 -10.52
CA PHE C 29 -21.96 9.07 -11.26
C PHE C 29 -22.15 10.42 -11.95
N THR C 30 -21.02 11.14 -12.15
CA THR C 30 -20.97 12.42 -12.85
C THR C 30 -19.93 12.33 -13.97
N LYS C 31 -20.38 12.45 -15.23
CA LYS C 31 -19.52 12.38 -16.42
C LYS C 31 -18.77 13.70 -16.59
N LEU C 32 -17.43 13.63 -16.61
CA LEU C 32 -16.56 14.81 -16.77
C LEU C 32 -16.23 15.02 -18.27
N GLU C 33 -15.01 14.67 -18.72
CA GLU C 33 -14.62 14.85 -20.12
C GLU C 33 -14.82 13.57 -20.94
N LYS C 34 -15.17 13.72 -22.21
CA LYS C 34 -15.35 12.63 -23.15
C LYS C 34 -13.95 12.20 -23.60
N ILE C 35 -13.44 11.11 -23.00
CA ILE C 35 -12.10 10.58 -23.25
C ILE C 35 -12.01 9.72 -24.52
N GLY C 36 -13.15 9.44 -25.16
CA GLY C 36 -13.17 8.65 -26.40
C GLY C 36 -14.57 8.30 -26.88
N LYS C 37 -14.80 8.46 -28.20
CA LYS C 37 -16.06 8.12 -28.85
C LYS C 37 -15.92 6.72 -29.45
N GLY C 38 -16.48 5.73 -28.75
CA GLY C 38 -16.42 4.32 -29.09
C GLY C 38 -17.15 3.93 -30.37
N SER C 39 -17.03 2.64 -30.74
CA SER C 39 -17.65 2.07 -31.94
C SER C 39 -19.19 2.10 -31.84
N PHE C 40 -19.75 1.62 -30.69
CA PHE C 40 -21.20 1.56 -30.44
C PHE C 40 -21.71 2.79 -29.65
N GLY C 41 -20.94 3.26 -28.68
CA GLY C 41 -21.30 4.40 -27.84
C GLY C 41 -20.20 5.39 -27.59
N GLU C 42 -20.11 5.89 -26.34
CA GLU C 42 -19.12 6.89 -25.92
C GLU C 42 -18.54 6.56 -24.53
N VAL C 43 -17.23 6.83 -24.37
CA VAL C 43 -16.48 6.61 -23.11
C VAL C 43 -16.15 7.98 -22.49
N PHE C 44 -16.39 8.13 -21.18
CA PHE C 44 -16.18 9.36 -20.44
C PHE C 44 -15.34 9.17 -19.18
N LYS C 45 -14.62 10.24 -18.77
CA LYS C 45 -13.87 10.26 -17.51
C LYS C 45 -14.91 10.59 -16.45
N GLY C 46 -15.01 9.77 -15.42
CA GLY C 46 -16.03 9.98 -14.40
C GLY C 46 -15.58 9.90 -12.96
N ILE C 47 -16.53 10.17 -12.06
CA ILE C 47 -16.36 10.14 -10.62
C ILE C 47 -17.59 9.50 -9.97
N ASP C 48 -17.36 8.56 -9.03
CA ASP C 48 -18.45 7.94 -8.28
C ASP C 48 -18.98 8.96 -7.29
N ASN C 49 -20.30 9.24 -7.32
CA ASN C 49 -20.91 10.23 -6.42
C ASN C 49 -20.98 9.71 -4.97
N ARG C 50 -20.73 8.41 -4.78
CA ARG C 50 -20.77 7.72 -3.50
C ARG C 50 -19.36 7.65 -2.85
N THR C 51 -18.40 6.98 -3.52
CA THR C 51 -17.04 6.76 -3.01
C THR C 51 -16.02 7.86 -3.37
N GLN C 52 -16.43 8.84 -4.24
CA GLN C 52 -15.63 9.97 -4.73
C GLN C 52 -14.42 9.50 -5.60
N LYS C 53 -14.29 8.19 -5.84
CA LYS C 53 -13.21 7.59 -6.64
C LYS C 53 -13.43 7.81 -8.13
N VAL C 54 -12.32 8.05 -8.87
CA VAL C 54 -12.31 8.28 -10.32
C VAL C 54 -12.45 6.95 -11.06
N VAL C 55 -13.40 6.90 -12.00
CA VAL C 55 -13.69 5.71 -12.81
C VAL C 55 -13.86 6.09 -14.28
N ALA C 56 -13.92 5.09 -15.16
CA ALA C 56 -14.16 5.28 -16.59
C ALA C 56 -15.59 4.81 -16.89
N ILE C 57 -16.39 5.68 -17.50
CA ILE C 57 -17.78 5.38 -17.84
C ILE C 57 -17.86 5.02 -19.31
N LYS C 58 -18.35 3.81 -19.60
CA LYS C 58 -18.52 3.32 -20.97
C LYS C 58 -20.02 3.20 -21.24
N ILE C 59 -20.61 4.23 -21.87
CA ILE C 59 -22.04 4.25 -22.20
C ILE C 59 -22.20 3.65 -23.60
N ILE C 60 -22.93 2.54 -23.68
CA ILE C 60 -23.16 1.80 -24.93
C ILE C 60 -24.62 1.93 -25.37
N ASP C 61 -24.85 2.38 -26.59
CA ASP C 61 -26.18 2.40 -27.17
C ASP C 61 -26.39 0.97 -27.70
N LEU C 62 -27.31 0.21 -27.06
CA LEU C 62 -27.56 -1.18 -27.43
C LEU C 62 -28.33 -1.28 -28.76
N GLU C 63 -28.84 -0.14 -29.25
CA GLU C 63 -29.41 0.02 -30.58
C GLU C 63 -28.23 0.31 -31.52
N GLU C 64 -28.36 -0.01 -32.83
CA GLU C 64 -27.27 0.13 -33.83
C GLU C 64 -26.18 -0.94 -33.56
N ALA C 65 -26.02 -1.34 -32.28
CA ALA C 65 -25.16 -2.43 -31.84
C ALA C 65 -25.99 -3.72 -31.77
N GLU C 66 -26.72 -4.02 -32.88
CA GLU C 66 -27.58 -5.20 -33.07
C GLU C 66 -26.77 -6.47 -32.79
N ASP C 67 -27.35 -7.39 -31.96
CA ASP C 67 -26.68 -8.58 -31.40
C ASP C 67 -25.62 -8.00 -30.45
N GLU C 68 -24.35 -8.49 -30.44
CA GLU C 68 -23.24 -7.96 -29.63
C GLU C 68 -23.53 -7.79 -28.11
N ILE C 69 -24.82 -7.81 -27.68
CA ILE C 69 -25.25 -7.68 -26.28
C ILE C 69 -24.69 -8.89 -25.53
N GLU C 70 -24.82 -10.10 -26.13
CA GLU C 70 -24.29 -11.33 -25.58
C GLU C 70 -22.75 -11.23 -25.49
N ASP C 71 -22.10 -10.55 -26.47
CA ASP C 71 -20.65 -10.35 -26.50
C ASP C 71 -20.20 -9.48 -25.33
N ILE C 72 -20.96 -8.40 -25.04
CA ILE C 72 -20.68 -7.46 -23.95
C ILE C 72 -20.88 -8.18 -22.61
N GLN C 73 -22.04 -8.89 -22.46
CA GLN C 73 -22.41 -9.64 -21.26
C GLN C 73 -21.37 -10.72 -20.93
N GLN C 74 -20.81 -11.35 -21.98
CA GLN C 74 -19.78 -12.38 -21.83
C GLN C 74 -18.46 -11.75 -21.36
N GLU C 75 -18.15 -10.53 -21.83
CA GLU C 75 -16.94 -9.80 -21.44
C GLU C 75 -17.07 -9.36 -19.97
N ILE C 76 -18.27 -8.95 -19.56
CA ILE C 76 -18.55 -8.55 -18.18
C ILE C 76 -18.30 -9.74 -17.24
N THR C 77 -18.78 -10.96 -17.64
CA THR C 77 -18.63 -12.21 -16.90
C THR C 77 -17.15 -12.48 -16.62
N VAL C 78 -16.31 -12.37 -17.67
CA VAL C 78 -14.86 -12.60 -17.62
C VAL C 78 -14.18 -11.55 -16.72
N LEU C 79 -14.49 -10.25 -16.94
CA LEU C 79 -13.92 -9.12 -16.21
C LEU C 79 -14.25 -9.16 -14.71
N SER C 80 -15.47 -9.62 -14.35
CA SER C 80 -15.91 -9.71 -12.96
C SER C 80 -15.17 -10.85 -12.21
N GLN C 81 -14.70 -11.87 -12.98
CA GLN C 81 -13.94 -13.02 -12.47
C GLN C 81 -12.45 -12.70 -12.31
N CYS C 82 -12.00 -11.59 -12.93
CA CYS C 82 -10.60 -11.14 -12.91
C CYS C 82 -10.33 -10.21 -11.73
N ASP C 83 -9.26 -10.52 -10.97
CA ASP C 83 -8.79 -9.74 -9.83
C ASP C 83 -7.25 -9.74 -9.86
N SER C 84 -6.68 -8.83 -10.68
CA SER C 84 -5.23 -8.68 -10.88
C SER C 84 -4.85 -7.25 -11.26
N PRO C 85 -3.70 -6.73 -10.81
CA PRO C 85 -3.31 -5.36 -11.20
C PRO C 85 -2.76 -5.27 -12.64
N TYR C 86 -2.88 -6.35 -13.42
CA TYR C 86 -2.40 -6.44 -14.81
C TYR C 86 -3.57 -6.62 -15.80
N VAL C 87 -4.81 -6.64 -15.27
CA VAL C 87 -6.07 -6.76 -16.02
C VAL C 87 -7.00 -5.68 -15.48
N THR C 88 -7.57 -4.85 -16.39
CA THR C 88 -8.48 -3.74 -16.07
C THR C 88 -9.61 -4.18 -15.12
N LYS C 89 -9.82 -3.40 -14.05
CA LYS C 89 -10.84 -3.68 -13.04
C LYS C 89 -12.22 -3.28 -13.52
N TYR C 90 -13.22 -4.08 -13.16
CA TYR C 90 -14.63 -3.86 -13.51
C TYR C 90 -15.40 -3.58 -12.24
N TYR C 91 -16.21 -2.51 -12.24
CA TYR C 91 -16.95 -2.11 -11.04
C TYR C 91 -18.44 -2.44 -11.11
N GLY C 92 -19.03 -2.47 -12.30
CA GLY C 92 -20.44 -2.79 -12.47
C GLY C 92 -21.11 -2.13 -13.66
N SER C 93 -22.28 -2.66 -14.02
CA SER C 93 -23.09 -2.14 -15.13
C SER C 93 -24.46 -1.66 -14.66
N TYR C 94 -25.00 -0.66 -15.37
CA TYR C 94 -26.30 -0.06 -15.13
C TYR C 94 -27.03 0.13 -16.46
N LEU C 95 -28.30 -0.25 -16.52
CA LEU C 95 -29.10 -0.11 -17.73
C LEU C 95 -30.15 0.99 -17.58
N LYS C 96 -30.11 1.97 -18.51
CA LYS C 96 -31.05 3.09 -18.58
C LYS C 96 -31.66 3.10 -19.97
N ASP C 97 -32.92 2.63 -20.08
CA ASP C 97 -33.73 2.50 -21.31
C ASP C 97 -33.01 1.56 -22.31
N THR C 98 -32.35 2.13 -23.34
CA THR C 98 -31.64 1.38 -24.38
C THR C 98 -30.10 1.57 -24.24
N LYS C 99 -29.66 2.40 -23.27
CA LYS C 99 -28.24 2.68 -23.02
C LYS C 99 -27.69 1.86 -21.84
N LEU C 100 -26.52 1.24 -22.02
CA LEU C 100 -25.86 0.46 -20.96
C LEU C 100 -24.59 1.18 -20.50
N TRP C 101 -24.56 1.53 -19.20
CA TRP C 101 -23.47 2.20 -18.53
C TRP C 101 -22.53 1.19 -17.90
N ILE C 102 -21.25 1.16 -18.34
CA ILE C 102 -20.25 0.22 -17.80
C ILE C 102 -19.23 1.03 -17.01
N ILE C 103 -19.04 0.66 -15.73
CA ILE C 103 -18.13 1.35 -14.82
C ILE C 103 -16.87 0.50 -14.67
N MET C 104 -15.73 1.05 -15.14
CA MET C 104 -14.45 0.36 -15.11
C MET C 104 -13.32 1.26 -14.58
N GLU C 105 -12.10 0.69 -14.51
CA GLU C 105 -10.88 1.33 -14.05
C GLU C 105 -10.44 2.47 -14.99
N TYR C 106 -10.09 3.65 -14.42
CA TYR C 106 -9.63 4.77 -15.24
C TYR C 106 -8.12 4.65 -15.47
N LEU C 107 -7.73 4.62 -16.76
CA LEU C 107 -6.34 4.52 -17.21
C LEU C 107 -6.07 5.61 -18.26
N GLY C 108 -5.64 6.78 -17.80
CA GLY C 108 -5.39 7.95 -18.64
C GLY C 108 -4.01 8.05 -19.26
N GLY C 109 -3.31 6.92 -19.37
CA GLY C 109 -1.98 6.86 -19.99
C GLY C 109 -2.00 6.36 -21.42
N GLY C 110 -3.19 6.27 -21.99
CA GLY C 110 -3.40 5.81 -23.37
C GLY C 110 -3.12 4.33 -23.53
N SER C 111 -2.61 3.96 -24.72
CA SER C 111 -2.27 2.58 -25.08
C SER C 111 -0.82 2.48 -25.58
N ALA C 112 -0.31 1.25 -25.73
CA ALA C 112 1.04 0.99 -26.24
C ALA C 112 1.16 1.42 -27.71
N LEU C 113 0.01 1.40 -28.44
CA LEU C 113 -0.10 1.83 -29.84
C LEU C 113 0.14 3.34 -29.94
N ASP C 114 -0.35 4.10 -28.93
CA ASP C 114 -0.20 5.56 -28.84
C ASP C 114 1.26 5.94 -28.58
N LEU C 115 2.03 5.08 -27.88
CA LEU C 115 3.44 5.31 -27.59
C LEU C 115 4.31 5.20 -28.86
N LEU C 116 3.80 4.48 -29.88
CA LEU C 116 4.46 4.27 -31.17
C LEU C 116 4.25 5.45 -32.13
N GLU C 117 3.19 6.25 -31.92
CA GLU C 117 2.81 7.41 -32.73
C GLU C 117 3.87 8.54 -32.73
N PRO C 118 4.46 9.00 -31.59
CA PRO C 118 5.43 10.12 -31.68
C PRO C 118 6.76 9.73 -32.32
N GLY C 119 7.13 8.45 -32.22
CA GLY C 119 8.38 7.96 -32.78
C GLY C 119 8.71 6.51 -32.47
N PRO C 120 9.96 6.07 -32.76
CA PRO C 120 10.32 4.67 -32.51
C PRO C 120 10.69 4.39 -31.06
N LEU C 121 10.36 3.17 -30.59
CA LEU C 121 10.65 2.71 -29.24
C LEU C 121 11.98 1.95 -29.20
N ASP C 122 12.78 2.16 -28.14
CA ASP C 122 14.04 1.45 -27.96
C ASP C 122 13.75 0.08 -27.35
N GLU C 123 14.73 -0.84 -27.42
CA GLU C 123 14.60 -2.22 -26.93
C GLU C 123 14.33 -2.31 -25.42
N THR C 124 14.71 -1.28 -24.62
CA THR C 124 14.46 -1.22 -23.18
C THR C 124 12.94 -1.07 -22.94
N GLN C 125 12.29 -0.14 -23.67
CA GLN C 125 10.86 0.15 -23.60
C GLN C 125 10.03 -1.04 -24.08
N ILE C 126 10.45 -1.69 -25.20
CA ILE C 126 9.79 -2.85 -25.79
C ILE C 126 9.82 -4.01 -24.77
N ALA C 127 10.98 -4.27 -24.14
CA ALA C 127 11.13 -5.32 -23.13
C ALA C 127 10.33 -5.04 -21.85
N THR C 128 10.21 -3.76 -21.45
CA THR C 128 9.46 -3.34 -20.25
C THR C 128 7.96 -3.58 -20.47
N ILE C 129 7.43 -3.19 -21.65
CA ILE C 129 6.01 -3.34 -22.02
C ILE C 129 5.69 -4.83 -22.13
N LEU C 130 6.49 -5.62 -22.89
CA LEU C 130 6.31 -7.06 -23.10
C LEU C 130 6.31 -7.86 -21.79
N ARG C 131 7.15 -7.44 -20.81
CA ARG C 131 7.24 -8.07 -19.48
C ARG C 131 5.91 -7.94 -18.74
N GLU C 132 5.31 -6.74 -18.82
CA GLU C 132 4.05 -6.40 -18.17
C GLU C 132 2.87 -7.14 -18.81
N ILE C 133 2.92 -7.36 -20.15
CA ILE C 133 1.87 -8.11 -20.87
C ILE C 133 1.95 -9.56 -20.40
N LEU C 134 3.19 -10.10 -20.31
CA LEU C 134 3.48 -11.47 -19.87
C LEU C 134 3.02 -11.72 -18.44
N LYS C 135 3.14 -10.70 -17.55
CA LYS C 135 2.70 -10.75 -16.16
C LYS C 135 1.16 -10.85 -16.11
N GLY C 136 0.50 -10.19 -17.06
CA GLY C 136 -0.95 -10.19 -17.23
C GLY C 136 -1.43 -11.51 -17.82
N LEU C 137 -0.69 -12.02 -18.82
CA LEU C 137 -0.98 -13.29 -19.48
C LEU C 137 -0.80 -14.45 -18.51
N ASP C 138 0.24 -14.37 -17.63
CA ASP C 138 0.53 -15.39 -16.62
C ASP C 138 -0.66 -15.56 -15.67
N TYR C 139 -1.33 -14.44 -15.29
CA TYR C 139 -2.50 -14.48 -14.41
C TYR C 139 -3.68 -15.12 -15.13
N LEU C 140 -3.99 -14.67 -16.36
CA LEU C 140 -5.13 -15.14 -17.16
C LEU C 140 -5.03 -16.62 -17.47
N HIS C 141 -3.86 -17.07 -17.96
CA HIS C 141 -3.62 -18.45 -18.35
C HIS C 141 -3.65 -19.38 -17.13
N SER C 142 -3.17 -18.91 -15.95
CA SER C 142 -3.22 -19.68 -14.71
C SER C 142 -4.66 -19.79 -14.21
N GLU C 143 -5.51 -18.81 -14.56
CA GLU C 143 -6.94 -18.77 -14.20
C GLU C 143 -7.79 -19.46 -15.28
N LYS C 144 -7.11 -20.19 -16.21
CA LYS C 144 -7.69 -20.94 -17.35
C LYS C 144 -8.51 -20.00 -18.25
N LYS C 145 -7.96 -18.81 -18.53
CA LYS C 145 -8.57 -17.79 -19.38
C LYS C 145 -7.62 -17.40 -20.52
N ILE C 146 -8.20 -17.08 -21.69
CA ILE C 146 -7.49 -16.63 -22.90
C ILE C 146 -7.95 -15.20 -23.19
N HIS C 147 -7.00 -14.28 -23.45
CA HIS C 147 -7.35 -12.90 -23.75
C HIS C 147 -8.00 -12.80 -25.14
N ARG C 148 -7.50 -13.55 -26.13
CA ARG C 148 -7.97 -13.68 -27.52
C ARG C 148 -7.77 -12.40 -28.37
N ASP C 149 -7.36 -11.27 -27.77
CA ASP C 149 -7.11 -10.04 -28.54
C ASP C 149 -5.94 -9.23 -27.96
N ILE C 150 -4.75 -9.86 -27.93
CA ILE C 150 -3.53 -9.24 -27.47
C ILE C 150 -2.92 -8.46 -28.65
N LYS C 151 -2.77 -7.15 -28.45
CA LYS C 151 -2.21 -6.15 -29.38
C LYS C 151 -1.95 -4.86 -28.63
N ALA C 152 -1.08 -3.98 -29.19
CA ALA C 152 -0.72 -2.69 -28.56
C ALA C 152 -1.94 -1.81 -28.29
N ALA C 153 -2.98 -1.91 -29.14
CA ALA C 153 -4.23 -1.15 -29.00
C ALA C 153 -5.03 -1.59 -27.75
N ASN C 154 -4.80 -2.83 -27.28
CA ASN C 154 -5.49 -3.41 -26.11
C ASN C 154 -4.56 -3.50 -24.87
N VAL C 155 -3.35 -2.95 -24.97
CA VAL C 155 -2.38 -2.88 -23.88
C VAL C 155 -2.44 -1.42 -23.39
N LEU C 156 -3.09 -1.18 -22.24
CA LEU C 156 -3.30 0.17 -21.72
C LEU C 156 -2.34 0.55 -20.59
N LEU C 157 -2.14 1.87 -20.40
CA LEU C 157 -1.27 2.44 -19.35
C LEU C 157 -2.08 3.32 -18.40
N SER C 158 -1.72 3.32 -17.11
CA SER C 158 -2.42 4.05 -16.04
C SER C 158 -2.32 5.58 -16.18
N GLU C 159 -1.16 6.15 -15.81
CA GLU C 159 -0.74 7.56 -15.77
C GLU C 159 0.57 7.60 -14.99
N HIS C 160 0.71 6.63 -14.05
CA HIS C 160 1.89 6.41 -13.22
C HIS C 160 2.88 5.48 -13.93
N GLY C 161 2.41 4.79 -14.98
CA GLY C 161 3.23 3.89 -15.79
C GLY C 161 2.78 2.44 -15.81
N GLU C 162 1.78 2.09 -14.97
CA GLU C 162 1.23 0.73 -14.84
C GLU C 162 0.63 0.25 -16.16
N VAL C 163 0.94 -1.00 -16.55
CA VAL C 163 0.45 -1.59 -17.81
C VAL C 163 -0.58 -2.70 -17.48
N LYS C 164 -1.80 -2.53 -18.00
CA LYS C 164 -2.92 -3.46 -17.79
C LYS C 164 -3.55 -3.89 -19.12
N LEU C 165 -4.04 -5.15 -19.17
CA LEU C 165 -4.68 -5.74 -20.35
C LEU C 165 -6.17 -5.44 -20.37
N ALA C 166 -6.70 -5.08 -21.55
CA ALA C 166 -8.11 -4.75 -21.75
C ALA C 166 -8.66 -5.28 -23.06
N ASP C 167 -10.00 -5.24 -23.21
CA ASP C 167 -10.79 -5.61 -24.38
C ASP C 167 -10.43 -7.03 -24.89
N PHE C 168 -11.05 -8.03 -24.24
CA PHE C 168 -10.90 -9.45 -24.54
C PHE C 168 -11.59 -9.81 -25.88
N GLY C 169 -11.28 -10.99 -26.41
CA GLY C 169 -11.87 -11.53 -27.64
C GLY C 169 -13.24 -12.14 -27.38
N VAL C 170 -13.68 -13.13 -28.21
CA VAL C 170 -15.03 -13.70 -28.02
C VAL C 170 -14.98 -15.28 -28.04
N ALA C 171 -15.56 -15.95 -29.08
CA ALA C 171 -15.66 -17.41 -29.31
C ALA C 171 -16.46 -17.70 -30.60
N GLY C 172 -15.93 -18.56 -31.47
CA GLY C 172 -16.55 -18.92 -32.76
C GLY C 172 -16.07 -18.05 -33.89
N GLN C 173 -15.29 -18.63 -34.85
CA GLN C 173 -14.67 -17.91 -35.98
C GLN C 173 -15.68 -17.27 -36.95
N LEU C 174 -16.85 -17.90 -37.16
CA LEU C 174 -17.90 -17.34 -38.03
C LEU C 174 -18.47 -16.06 -37.41
N THR C 175 -18.58 -16.03 -36.07
CA THR C 175 -19.07 -14.92 -35.25
C THR C 175 -18.05 -13.76 -35.28
N ASP C 176 -16.74 -14.06 -35.47
CA ASP C 176 -15.67 -13.05 -35.60
C ASP C 176 -15.89 -12.23 -36.89
N THR C 177 -16.19 -12.92 -38.03
CA THR C 177 -16.44 -12.30 -39.33
C THR C 177 -17.92 -12.44 -39.71
N ARG C 181 -20.80 -8.30 -39.95
CA ARG C 181 -22.14 -8.77 -40.28
C ARG C 181 -22.35 -8.78 -41.80
N ASN C 182 -22.49 -10.00 -42.38
CA ASN C 182 -22.69 -10.33 -43.81
C ASN C 182 -21.50 -9.92 -44.71
N THR C 183 -20.68 -8.95 -44.26
CA THR C 183 -19.48 -8.44 -44.92
C THR C 183 -18.28 -8.79 -44.02
N PHE C 184 -17.05 -8.91 -44.58
CA PHE C 184 -15.90 -9.29 -43.75
C PHE C 184 -15.52 -8.19 -42.77
N VAL C 185 -15.56 -8.54 -41.49
CA VAL C 185 -15.18 -7.68 -40.36
C VAL C 185 -14.20 -8.49 -39.51
N GLY C 186 -13.05 -7.90 -39.23
CA GLY C 186 -12.02 -8.57 -38.45
C GLY C 186 -10.61 -8.11 -38.78
N THR C 187 -9.76 -8.10 -37.74
CA THR C 187 -8.37 -7.69 -37.82
C THR C 187 -7.52 -8.93 -37.46
N PRO C 188 -7.14 -9.75 -38.48
CA PRO C 188 -6.45 -11.01 -38.17
C PRO C 188 -4.94 -10.93 -38.08
N PHE C 189 -4.35 -9.72 -38.18
CA PHE C 189 -2.89 -9.51 -38.15
C PHE C 189 -2.23 -10.15 -36.91
N TRP C 190 -2.89 -10.08 -35.73
CA TRP C 190 -2.40 -10.64 -34.46
C TRP C 190 -2.87 -12.08 -34.21
N MET C 191 -3.87 -12.58 -34.96
CA MET C 191 -4.46 -13.91 -34.82
C MET C 191 -3.49 -15.07 -35.04
N ALA C 192 -3.62 -16.12 -34.21
CA ALA C 192 -2.82 -17.34 -34.30
C ALA C 192 -3.30 -18.21 -35.47
N PRO C 193 -2.38 -18.95 -36.17
CA PRO C 193 -2.81 -19.75 -37.33
C PRO C 193 -3.83 -20.85 -37.02
N GLU C 194 -3.80 -21.42 -35.79
CA GLU C 194 -4.73 -22.47 -35.37
C GLU C 194 -6.16 -21.91 -35.16
N VAL C 195 -6.25 -20.60 -34.83
CA VAL C 195 -7.52 -19.89 -34.60
C VAL C 195 -8.21 -19.74 -35.96
N ILE C 196 -7.44 -19.34 -36.99
CA ILE C 196 -7.92 -19.19 -38.37
C ILE C 196 -8.24 -20.59 -38.94
N LYS C 197 -7.35 -21.58 -38.68
CA LYS C 197 -7.50 -22.98 -39.12
C LYS C 197 -8.75 -23.62 -38.51
N GLN C 198 -9.36 -22.92 -37.53
CA GLN C 198 -10.57 -23.27 -36.78
C GLN C 198 -10.39 -24.55 -35.96
N SER C 199 -9.13 -24.89 -35.65
CA SER C 199 -8.80 -26.02 -34.80
C SER C 199 -8.87 -25.57 -33.33
N ALA C 200 -8.73 -26.50 -32.37
CA ALA C 200 -8.79 -26.19 -30.94
C ALA C 200 -7.61 -25.31 -30.53
N TYR C 201 -7.91 -24.20 -29.86
CA TYR C 201 -6.89 -23.26 -29.40
C TYR C 201 -6.99 -23.05 -27.89
N ASP C 202 -5.84 -22.78 -27.26
CA ASP C 202 -5.74 -22.53 -25.83
C ASP C 202 -4.95 -21.24 -25.59
N SER C 203 -4.37 -21.09 -24.40
CA SER C 203 -3.55 -19.95 -23.96
C SER C 203 -2.46 -19.57 -24.97
N LYS C 204 -1.90 -20.56 -25.71
CA LYS C 204 -0.81 -20.39 -26.68
C LYS C 204 -1.20 -19.50 -27.87
N ALA C 205 -2.52 -19.24 -28.06
CA ALA C 205 -3.03 -18.36 -29.11
C ALA C 205 -2.62 -16.91 -28.81
N ASP C 206 -2.48 -16.59 -27.50
CA ASP C 206 -2.06 -15.30 -26.99
C ASP C 206 -0.55 -15.11 -27.16
N ILE C 207 0.21 -16.22 -27.10
CA ILE C 207 1.66 -16.21 -27.24
C ILE C 207 2.00 -15.80 -28.67
N TRP C 208 1.24 -16.29 -29.67
CA TRP C 208 1.43 -15.89 -31.07
C TRP C 208 1.17 -14.38 -31.18
N SER C 209 -0.01 -13.93 -30.70
CA SER C 209 -0.43 -12.53 -30.66
C SER C 209 0.65 -11.66 -29.99
N LEU C 210 1.30 -12.17 -28.92
CA LEU C 210 2.38 -11.48 -28.20
C LEU C 210 3.60 -11.26 -29.13
N GLY C 211 3.96 -12.30 -29.90
CA GLY C 211 5.05 -12.25 -30.88
C GLY C 211 4.80 -11.21 -31.97
N ILE C 212 3.53 -11.12 -32.43
CA ILE C 212 3.07 -10.14 -33.43
C ILE C 212 3.13 -8.73 -32.80
N THR C 213 2.73 -8.62 -31.49
CA THR C 213 2.74 -7.37 -30.71
C THR C 213 4.20 -6.91 -30.50
N ALA C 214 5.14 -7.87 -30.35
CA ALA C 214 6.56 -7.57 -30.19
C ALA C 214 7.09 -6.89 -31.46
N ILE C 215 6.69 -7.40 -32.65
CA ILE C 215 7.03 -6.82 -33.95
C ILE C 215 6.34 -5.46 -34.09
N GLU C 216 5.08 -5.36 -33.63
CA GLU C 216 4.30 -4.14 -33.66
C GLU C 216 4.99 -3.05 -32.81
N LEU C 217 5.55 -3.42 -31.64
CA LEU C 217 6.23 -2.48 -30.75
C LEU C 217 7.63 -2.11 -31.27
N ALA C 218 8.24 -2.98 -32.10
CA ALA C 218 9.58 -2.78 -32.65
C ALA C 218 9.55 -2.06 -34.00
N ARG C 219 8.74 -2.53 -34.97
CA ARG C 219 8.63 -1.99 -36.32
C ARG C 219 7.58 -0.87 -36.45
N GLY C 220 6.66 -0.78 -35.49
CA GLY C 220 5.60 0.24 -35.50
C GLY C 220 4.24 -0.35 -35.81
N GLU C 221 4.20 -1.26 -36.80
CA GLU C 221 2.98 -1.92 -37.25
C GLU C 221 3.17 -3.45 -37.31
N PRO C 222 2.08 -4.28 -37.23
CA PRO C 222 2.24 -5.74 -37.27
C PRO C 222 2.61 -6.27 -38.67
N PRO C 223 3.07 -7.54 -38.82
CA PRO C 223 3.41 -8.05 -40.17
C PRO C 223 2.22 -8.10 -41.13
N HIS C 224 2.51 -7.95 -42.45
CA HIS C 224 1.57 -7.97 -43.59
C HIS C 224 0.52 -6.83 -43.48
N SER C 225 0.89 -5.73 -42.80
CA SER C 225 0.05 -4.53 -42.59
C SER C 225 -0.27 -3.82 -43.91
N GLU C 226 0.62 -3.96 -44.91
CA GLU C 226 0.48 -3.37 -46.26
C GLU C 226 -0.64 -4.07 -47.08
N LEU C 227 -1.10 -5.25 -46.61
CA LEU C 227 -2.13 -6.05 -47.27
C LEU C 227 -3.53 -5.88 -46.65
N HIS C 228 -4.55 -6.28 -47.41
CA HIS C 228 -5.97 -6.27 -47.02
C HIS C 228 -6.19 -7.34 -45.94
N PRO C 229 -7.04 -7.10 -44.90
CA PRO C 229 -7.22 -8.11 -43.83
C PRO C 229 -7.60 -9.51 -44.33
N MET C 230 -8.42 -9.61 -45.40
CA MET C 230 -8.84 -10.88 -45.99
C MET C 230 -7.65 -11.68 -46.54
N LYS C 231 -6.69 -10.99 -47.19
CA LYS C 231 -5.48 -11.59 -47.76
C LYS C 231 -4.53 -12.09 -46.65
N VAL C 232 -4.45 -11.34 -45.54
CA VAL C 232 -3.62 -11.68 -44.36
C VAL C 232 -4.20 -12.93 -43.70
N LEU C 233 -5.56 -13.00 -43.60
CA LEU C 233 -6.32 -14.11 -43.01
C LEU C 233 -5.96 -15.45 -43.66
N PHE C 234 -5.83 -15.49 -44.99
CA PHE C 234 -5.46 -16.70 -45.72
C PHE C 234 -3.95 -16.96 -45.67
N LEU C 235 -3.11 -15.89 -45.68
CA LEU C 235 -1.65 -15.99 -45.65
C LEU C 235 -1.11 -16.69 -44.39
N ILE C 236 -1.51 -16.21 -43.18
CA ILE C 236 -1.04 -16.68 -41.87
C ILE C 236 -0.97 -18.25 -41.79
N PRO C 237 -2.07 -19.03 -41.98
CA PRO C 237 -1.92 -20.50 -41.88
C PRO C 237 -1.12 -21.14 -43.02
N LYS C 238 -1.02 -20.47 -44.20
CA LYS C 238 -0.31 -21.00 -45.36
C LYS C 238 1.21 -20.70 -45.27
N ASN C 239 1.58 -19.42 -45.25
CA ASN C 239 2.96 -18.94 -45.22
C ASN C 239 3.66 -19.22 -43.89
N ASN C 240 5.01 -19.21 -43.93
CA ASN C 240 5.93 -19.41 -42.81
C ASN C 240 5.70 -18.34 -41.72
N PRO C 241 6.01 -18.60 -40.41
CA PRO C 241 5.75 -17.58 -39.38
C PRO C 241 6.59 -16.32 -39.59
N PRO C 242 6.07 -15.12 -39.25
CA PRO C 242 6.85 -13.89 -39.46
C PRO C 242 8.13 -13.85 -38.62
N THR C 243 9.09 -13.03 -39.06
CA THR C 243 10.37 -12.84 -38.37
C THR C 243 10.69 -11.36 -38.31
N LEU C 244 11.26 -10.92 -37.18
CA LEU C 244 11.65 -9.53 -36.99
C LEU C 244 12.93 -9.24 -37.79
N GLU C 245 12.82 -8.29 -38.74
CA GLU C 245 13.92 -7.88 -39.63
C GLU C 245 14.38 -6.45 -39.32
N GLY C 246 15.64 -6.18 -39.63
CA GLY C 246 16.24 -4.86 -39.41
C GLY C 246 17.16 -4.81 -38.22
N ASN C 247 17.60 -3.58 -37.85
CA ASN C 247 18.50 -3.33 -36.72
C ASN C 247 17.79 -3.58 -35.38
N TYR C 248 17.78 -4.86 -34.98
CA TYR C 248 17.21 -5.40 -33.74
C TYR C 248 18.13 -6.51 -33.23
N SER C 249 18.44 -6.51 -31.92
CA SER C 249 19.33 -7.48 -31.27
C SER C 249 18.84 -8.93 -31.37
N LYS C 250 19.79 -9.89 -31.29
CA LYS C 250 19.55 -11.33 -31.34
C LYS C 250 18.54 -11.80 -30.24
N PRO C 251 18.63 -11.35 -28.95
CA PRO C 251 17.63 -11.80 -27.96
C PRO C 251 16.20 -11.40 -28.32
N LEU C 252 16.00 -10.20 -28.90
CA LEU C 252 14.68 -9.70 -29.32
C LEU C 252 14.17 -10.55 -30.51
N LYS C 253 15.04 -10.84 -31.49
CA LYS C 253 14.74 -11.64 -32.68
C LYS C 253 14.36 -13.06 -32.27
N GLU C 254 15.08 -13.62 -31.27
CA GLU C 254 14.85 -14.98 -30.73
C GLU C 254 13.58 -15.04 -29.90
N PHE C 255 13.17 -13.92 -29.26
CA PHE C 255 11.94 -13.81 -28.47
C PHE C 255 10.73 -13.92 -29.41
N VAL C 256 10.80 -13.22 -30.56
CA VAL C 256 9.79 -13.19 -31.63
C VAL C 256 9.70 -14.59 -32.26
N GLU C 257 10.85 -15.21 -32.57
CA GLU C 257 10.96 -16.55 -33.18
C GLU C 257 10.31 -17.61 -32.27
N ALA C 258 10.52 -17.49 -30.94
CA ALA C 258 9.99 -18.40 -29.93
C ALA C 258 8.46 -18.35 -29.89
N CYS C 259 7.90 -17.12 -29.91
CA CYS C 259 6.46 -16.87 -29.89
C CYS C 259 5.82 -17.26 -31.22
N LEU C 260 6.41 -16.83 -32.33
CA LEU C 260 5.86 -17.06 -33.66
C LEU C 260 6.30 -18.41 -34.21
N ASN C 261 5.65 -19.45 -33.68
CA ASN C 261 5.82 -20.84 -34.07
C ASN C 261 4.48 -21.31 -34.60
N LYS C 262 4.47 -21.94 -35.79
CA LYS C 262 3.23 -22.42 -36.40
C LYS C 262 2.54 -23.49 -35.54
N GLU C 263 3.32 -24.16 -34.67
CA GLU C 263 2.82 -25.18 -33.75
C GLU C 263 2.62 -24.57 -32.36
N PRO C 264 1.35 -24.48 -31.88
CA PRO C 264 1.09 -23.87 -30.56
C PRO C 264 1.76 -24.58 -29.40
N SER C 265 1.82 -25.91 -29.43
CA SER C 265 2.39 -26.75 -28.38
C SER C 265 3.89 -26.55 -28.25
N PHE C 266 4.52 -25.93 -29.27
CA PHE C 266 5.95 -25.67 -29.34
C PHE C 266 6.29 -24.24 -28.88
N ARG C 267 5.26 -23.39 -28.71
CA ARG C 267 5.42 -22.01 -28.22
C ARG C 267 5.69 -22.06 -26.69
N PRO C 268 6.43 -21.12 -26.08
CA PRO C 268 6.65 -21.21 -24.63
C PRO C 268 5.46 -20.69 -23.84
N THR C 269 5.41 -20.98 -22.54
CA THR C 269 4.34 -20.46 -21.67
C THR C 269 4.66 -19.01 -21.31
N ALA C 270 3.68 -18.29 -20.71
CA ALA C 270 3.86 -16.89 -20.27
C ALA C 270 4.96 -16.80 -19.21
N LYS C 271 5.03 -17.81 -18.29
CA LYS C 271 6.03 -17.93 -17.23
C LYS C 271 7.43 -18.17 -17.80
N GLU C 272 7.51 -19.00 -18.87
CA GLU C 272 8.75 -19.33 -19.58
C GLU C 272 9.35 -18.11 -20.26
N LEU C 273 8.50 -17.27 -20.90
CA LEU C 273 8.93 -16.06 -21.61
C LEU C 273 9.32 -14.94 -20.65
N LEU C 274 8.91 -15.04 -19.36
CA LEU C 274 9.25 -14.05 -18.34
C LEU C 274 10.73 -14.20 -17.94
N LYS C 275 11.27 -15.41 -18.14
CA LYS C 275 12.66 -15.78 -17.85
C LYS C 275 13.53 -15.72 -19.12
N HIS C 276 13.02 -15.10 -20.22
CA HIS C 276 13.73 -14.96 -21.48
C HIS C 276 14.93 -14.00 -21.35
N LYS C 277 16.01 -14.27 -22.12
CA LYS C 277 17.25 -13.50 -22.14
C LYS C 277 17.02 -12.03 -22.52
N PHE C 278 16.02 -11.76 -23.40
CA PHE C 278 15.69 -10.39 -23.84
C PHE C 278 15.02 -9.60 -22.71
N ILE C 279 14.01 -10.20 -22.05
CA ILE C 279 13.24 -9.56 -20.97
C ILE C 279 14.15 -9.28 -19.75
N LEU C 280 14.84 -10.31 -19.22
CA LEU C 280 15.69 -10.18 -18.04
C LEU C 280 16.83 -9.16 -18.21
N ARG C 281 17.36 -8.99 -19.43
CA ARG C 281 18.47 -8.07 -19.69
C ARG C 281 18.04 -6.66 -20.10
N ASN C 282 16.96 -6.51 -20.88
CA ASN C 282 16.56 -5.18 -21.37
C ASN C 282 15.39 -4.52 -20.59
N ALA C 283 14.52 -5.29 -19.90
CA ALA C 283 13.40 -4.70 -19.15
C ALA C 283 13.85 -4.04 -17.84
N LYS C 284 13.36 -2.82 -17.60
CA LYS C 284 13.65 -2.01 -16.41
C LYS C 284 12.34 -1.65 -15.67
N LYS C 285 12.37 -0.64 -14.76
CA LYS C 285 11.21 -0.20 -13.97
C LYS C 285 10.09 0.34 -14.86
N THR C 286 8.83 0.16 -14.43
CA THR C 286 7.63 0.58 -15.17
C THR C 286 7.37 2.09 -15.02
N SER C 287 7.95 2.72 -13.97
CA SER C 287 7.82 4.16 -13.71
C SER C 287 8.56 4.99 -14.77
N TYR C 288 9.48 4.34 -15.53
CA TYR C 288 10.28 4.96 -16.59
C TYR C 288 9.46 5.15 -17.88
N LEU C 289 8.32 4.45 -17.99
CA LEU C 289 7.41 4.53 -19.15
C LEU C 289 6.59 5.83 -19.13
N THR C 290 6.63 6.58 -18.00
CA THR C 290 5.94 7.87 -17.79
C THR C 290 6.48 8.93 -18.79
N GLU C 291 7.72 8.74 -19.30
CA GLU C 291 8.40 9.60 -20.29
C GLU C 291 7.60 9.72 -21.60
N LEU C 292 6.80 8.68 -21.94
CA LEU C 292 5.96 8.62 -23.14
C LEU C 292 4.49 8.81 -22.75
N ILE C 293 3.97 10.03 -22.92
CA ILE C 293 2.57 10.39 -22.60
C ILE C 293 2.02 11.35 -23.68
N PRO D 25 12.89 24.34 0.44
CA PRO D 25 12.54 23.96 1.82
C PRO D 25 11.09 23.49 1.92
N GLU D 26 10.17 24.23 1.28
CA GLU D 26 8.73 24.01 1.23
C GLU D 26 8.34 23.40 -0.13
N GLU D 27 9.29 23.37 -1.08
CA GLU D 27 9.10 22.85 -2.44
C GLU D 27 8.99 21.31 -2.49
N LEU D 28 9.61 20.60 -1.52
CA LEU D 28 9.60 19.14 -1.47
C LEU D 28 8.34 18.55 -0.81
N PHE D 29 7.58 19.36 -0.04
CA PHE D 29 6.39 18.90 0.65
C PHE D 29 5.19 19.85 0.49
N THR D 30 3.96 19.30 0.63
CA THR D 30 2.71 20.05 0.52
C THR D 30 1.84 19.75 1.74
N LYS D 31 1.59 20.79 2.56
CA LYS D 31 0.79 20.69 3.78
C LYS D 31 -0.70 20.66 3.45
N LEU D 32 -1.40 19.60 3.87
CA LEU D 32 -2.83 19.41 3.62
C LEU D 32 -3.64 19.98 4.82
N GLU D 33 -4.18 19.12 5.70
CA GLU D 33 -4.98 19.59 6.85
C GLU D 33 -4.13 19.69 8.12
N LYS D 34 -4.46 20.68 8.98
CA LYS D 34 -3.81 20.89 10.26
C LYS D 34 -4.37 19.86 11.25
N ILE D 35 -3.62 18.77 11.46
CA ILE D 35 -4.03 17.65 12.31
C ILE D 35 -3.80 17.91 13.82
N GLY D 36 -3.16 19.03 14.17
CA GLY D 36 -2.91 19.38 15.56
C GLY D 36 -2.01 20.58 15.76
N LYS D 37 -2.40 21.47 16.69
CA LYS D 37 -1.63 22.67 17.05
C LYS D 37 -0.77 22.35 18.28
N GLY D 38 0.52 22.11 18.04
CA GLY D 38 1.51 21.74 19.05
C GLY D 38 1.83 22.80 20.08
N SER D 39 2.69 22.44 21.04
CA SER D 39 3.12 23.32 22.13
C SER D 39 3.93 24.52 21.61
N PHE D 40 4.95 24.27 20.74
CA PHE D 40 5.81 25.30 20.16
C PHE D 40 5.36 25.74 18.76
N GLY D 41 4.87 24.78 17.96
CA GLY D 41 4.42 25.05 16.59
C GLY D 41 3.12 24.37 16.20
N GLU D 42 3.07 23.86 14.96
CA GLU D 42 1.87 23.19 14.41
C GLU D 42 2.24 21.94 13.62
N VAL D 43 1.37 20.91 13.72
CA VAL D 43 1.51 19.61 13.03
C VAL D 43 0.46 19.53 11.91
N PHE D 44 0.89 19.10 10.71
CA PHE D 44 0.03 19.01 9.53
C PHE D 44 0.11 17.65 8.85
N LYS D 45 -0.97 17.25 8.17
CA LYS D 45 -1.01 16.05 7.34
C LYS D 45 -0.37 16.44 6.02
N GLY D 46 0.65 15.70 5.59
CA GLY D 46 1.37 16.05 4.37
C GLY D 46 1.62 14.93 3.38
N ILE D 47 2.14 15.30 2.21
CA ILE D 47 2.47 14.37 1.14
C ILE D 47 3.78 14.80 0.50
N ASP D 48 4.73 13.86 0.39
CA ASP D 48 6.04 14.10 -0.22
C ASP D 48 5.85 14.27 -1.73
N ASN D 49 6.30 15.41 -2.28
CA ASN D 49 6.17 15.72 -3.71
C ASN D 49 7.10 14.86 -4.58
N ARG D 50 8.09 14.19 -3.94
CA ARG D 50 9.07 13.34 -4.60
C ARG D 50 8.60 11.87 -4.65
N THR D 51 8.40 11.23 -3.48
CA THR D 51 8.02 9.82 -3.35
C THR D 51 6.49 9.57 -3.34
N GLN D 52 5.68 10.65 -3.31
CA GLN D 52 4.20 10.64 -3.28
C GLN D 52 3.63 10.02 -1.99
N LYS D 53 4.52 9.60 -1.05
CA LYS D 53 4.14 8.98 0.22
C LYS D 53 3.62 10.03 1.22
N VAL D 54 2.58 9.63 1.98
CA VAL D 54 1.92 10.45 3.02
C VAL D 54 2.79 10.47 4.27
N VAL D 55 3.07 11.67 4.80
CA VAL D 55 3.89 11.88 6.00
C VAL D 55 3.22 12.91 6.93
N ALA D 56 3.76 13.05 8.15
CA ALA D 56 3.30 14.03 9.13
C ALA D 56 4.35 15.14 9.21
N ILE D 57 3.91 16.38 9.03
CA ILE D 57 4.81 17.53 9.05
C ILE D 57 4.69 18.22 10.41
N LYS D 58 5.81 18.32 11.15
CA LYS D 58 5.85 18.98 12.44
C LYS D 58 6.68 20.26 12.29
N ILE D 59 6.00 21.40 12.07
CA ILE D 59 6.65 22.70 11.91
C ILE D 59 6.78 23.34 13.29
N ILE D 60 8.03 23.57 13.71
CA ILE D 60 8.34 24.14 15.03
C ILE D 60 8.91 25.55 14.87
N ASP D 61 8.28 26.53 15.55
CA ASP D 61 8.81 27.88 15.59
C ASP D 61 9.87 27.86 16.67
N LEU D 62 11.15 27.98 16.29
CA LEU D 62 12.28 27.92 17.23
C LEU D 62 12.33 29.17 18.12
N GLU D 63 11.57 30.22 17.75
CA GLU D 63 11.32 31.41 18.54
C GLU D 63 10.19 31.08 19.50
N GLU D 64 10.09 31.74 20.67
CA GLU D 64 9.09 31.46 21.72
C GLU D 64 9.44 30.13 22.41
N ALA D 65 10.06 29.19 21.65
CA ALA D 65 10.59 27.92 22.13
C ALA D 65 12.08 28.12 22.49
N GLU D 66 12.36 29.16 23.32
CA GLU D 66 13.70 29.56 23.82
C GLU D 66 14.35 28.34 24.48
N ASP D 67 15.63 28.06 24.12
CA ASP D 67 16.39 26.85 24.48
C ASP D 67 15.64 25.71 23.78
N GLU D 68 15.35 24.55 24.43
CA GLU D 68 14.58 23.43 23.87
C GLU D 68 15.05 22.90 22.48
N ILE D 69 15.90 23.67 21.75
CA ILE D 69 16.45 23.30 20.43
C ILE D 69 17.31 22.06 20.64
N GLU D 70 18.16 22.08 21.69
CA GLU D 70 19.05 20.98 22.11
C GLU D 70 18.23 19.72 22.43
N ASP D 71 17.04 19.89 23.05
CA ASP D 71 16.11 18.82 23.41
C ASP D 71 15.44 18.21 22.17
N ILE D 72 15.03 19.05 21.18
CA ILE D 72 14.45 18.58 19.91
C ILE D 72 15.52 17.76 19.17
N GLN D 73 16.74 18.33 19.07
CA GLN D 73 17.90 17.72 18.39
C GLN D 73 18.27 16.38 19.04
N GLN D 74 18.12 16.26 20.37
CA GLN D 74 18.38 15.03 21.11
C GLN D 74 17.31 13.98 20.78
N GLU D 75 16.05 14.41 20.61
CA GLU D 75 14.94 13.51 20.26
C GLU D 75 15.12 13.01 18.82
N ILE D 76 15.64 13.88 17.93
CA ILE D 76 15.91 13.54 16.53
C ILE D 76 16.98 12.44 16.48
N THR D 77 18.03 12.56 17.32
CA THR D 77 19.15 11.61 17.44
C THR D 77 18.61 10.23 17.80
N VAL D 78 17.73 10.14 18.82
CA VAL D 78 17.11 8.91 19.32
C VAL D 78 16.21 8.29 18.24
N LEU D 79 15.31 9.11 17.63
CA LEU D 79 14.36 8.68 16.60
C LEU D 79 15.04 8.17 15.34
N SER D 80 16.19 8.77 14.95
CA SER D 80 16.94 8.36 13.76
C SER D 80 17.64 7.01 13.98
N GLN D 81 17.92 6.66 15.26
CA GLN D 81 18.55 5.41 15.68
C GLN D 81 17.52 4.26 15.80
N CYS D 82 16.22 4.62 15.83
CA CYS D 82 15.11 3.68 15.96
C CYS D 82 14.61 3.21 14.60
N ASP D 83 14.50 1.87 14.43
CA ASP D 83 13.99 1.21 13.23
C ASP D 83 13.14 0.00 13.67
N SER D 84 11.86 0.27 14.00
CA SER D 84 10.89 -0.72 14.48
C SER D 84 9.46 -0.31 14.12
N PRO D 85 8.57 -1.27 13.79
CA PRO D 85 7.18 -0.89 13.49
C PRO D 85 6.35 -0.57 14.74
N TYR D 86 6.99 -0.45 15.92
CA TYR D 86 6.34 -0.16 17.21
C TYR D 86 6.82 1.19 17.78
N VAL D 87 7.70 1.89 17.04
CA VAL D 87 8.25 3.21 17.36
C VAL D 87 8.11 4.06 16.10
N THR D 88 7.50 5.26 16.22
CA THR D 88 7.26 6.21 15.12
C THR D 88 8.52 6.45 14.28
N LYS D 89 8.39 6.33 12.96
CA LYS D 89 9.49 6.49 12.01
C LYS D 89 9.80 7.96 11.79
N TYR D 90 11.09 8.28 11.66
CA TYR D 90 11.58 9.64 11.42
C TYR D 90 12.20 9.68 10.03
N TYR D 91 11.82 10.68 9.22
CA TYR D 91 12.31 10.78 7.84
C TYR D 91 13.37 11.86 7.65
N GLY D 92 13.36 12.89 8.48
CA GLY D 92 14.33 13.97 8.38
C GLY D 92 13.81 15.33 8.78
N SER D 93 14.73 16.30 8.93
CA SER D 93 14.41 17.69 9.30
C SER D 93 14.93 18.68 8.28
N TYR D 94 14.21 19.81 8.14
CA TYR D 94 14.53 20.91 7.23
C TYR D 94 14.35 22.24 7.96
N LEU D 95 15.32 23.16 7.81
CA LEU D 95 15.25 24.45 8.47
C LEU D 95 14.99 25.57 7.45
N LYS D 96 13.92 26.35 7.68
CA LYS D 96 13.52 27.49 6.87
C LYS D 96 13.40 28.70 7.80
N ASP D 97 14.40 29.61 7.73
CA ASP D 97 14.54 30.83 8.53
C ASP D 97 14.60 30.48 10.03
N THR D 98 13.48 30.68 10.77
CA THR D 98 13.39 30.40 12.21
C THR D 98 12.46 29.19 12.47
N LYS D 99 11.87 28.60 11.41
CA LYS D 99 10.96 27.45 11.50
C LYS D 99 11.69 26.14 11.15
N LEU D 100 11.49 25.09 11.97
CA LEU D 100 12.07 23.76 11.74
C LEU D 100 10.97 22.77 11.38
N TRP D 101 11.09 22.19 10.17
CA TRP D 101 10.16 21.22 9.60
C TRP D 101 10.64 19.82 9.92
N ILE D 102 9.84 19.03 10.66
CA ILE D 102 10.19 17.65 11.01
C ILE D 102 9.24 16.72 10.26
N ILE D 103 9.82 15.80 9.48
CA ILE D 103 9.08 14.84 8.66
C ILE D 103 9.08 13.49 9.36
N MET D 104 7.89 13.04 9.75
CA MET D 104 7.72 11.78 10.46
C MET D 104 6.57 10.95 9.89
N GLU D 105 6.35 9.75 10.48
CA GLU D 105 5.33 8.78 10.11
C GLU D 105 3.92 9.33 10.37
N TYR D 106 2.99 9.18 9.40
CA TYR D 106 1.61 9.62 9.57
C TYR D 106 0.79 8.55 10.27
N LEU D 107 0.20 8.91 11.42
CA LEU D 107 -0.65 8.05 12.23
C LEU D 107 -1.95 8.78 12.57
N GLY D 108 -2.94 8.63 11.71
CA GLY D 108 -4.24 9.28 11.83
C GLY D 108 -5.30 8.58 12.67
N GLY D 109 -4.86 7.67 13.53
CA GLY D 109 -5.74 6.93 14.43
C GLY D 109 -5.80 7.49 15.83
N GLY D 110 -5.25 8.69 16.00
CA GLY D 110 -5.19 9.40 17.28
C GLY D 110 -4.27 8.73 18.29
N SER D 111 -4.65 8.82 19.57
CA SER D 111 -3.89 8.23 20.69
C SER D 111 -4.79 7.32 21.54
N ALA D 112 -4.18 6.54 22.46
CA ALA D 112 -4.90 5.66 23.37
C ALA D 112 -5.76 6.48 24.35
N LEU D 113 -5.34 7.73 24.63
CA LEU D 113 -6.04 8.68 25.49
C LEU D 113 -7.36 9.11 24.83
N ASP D 114 -7.35 9.25 23.48
CA ASP D 114 -8.52 9.61 22.69
C ASP D 114 -9.56 8.48 22.66
N LEU D 115 -9.10 7.21 22.77
CA LEU D 115 -9.98 6.03 22.81
C LEU D 115 -10.78 5.96 24.12
N LEU D 116 -10.27 6.62 25.18
CA LEU D 116 -10.87 6.68 26.51
C LEU D 116 -11.97 7.77 26.60
N GLU D 117 -11.92 8.77 25.70
CA GLU D 117 -12.86 9.90 25.63
C GLU D 117 -14.32 9.48 25.33
N PRO D 118 -14.65 8.60 24.33
CA PRO D 118 -16.07 8.29 24.09
C PRO D 118 -16.70 7.42 25.18
N GLY D 119 -15.89 6.63 25.89
CA GLY D 119 -16.39 5.76 26.95
C GLY D 119 -15.36 4.83 27.56
N PRO D 120 -15.79 3.85 28.37
CA PRO D 120 -14.83 2.93 29.00
C PRO D 120 -14.40 1.79 28.08
N LEU D 121 -13.14 1.37 28.23
CA LEU D 121 -12.52 0.27 27.46
C LEU D 121 -12.67 -1.05 28.21
N ASP D 122 -12.95 -2.14 27.46
CA ASP D 122 -13.05 -3.48 28.03
C ASP D 122 -11.64 -4.06 28.20
N GLU D 123 -11.51 -5.12 29.01
CA GLU D 123 -10.22 -5.77 29.32
C GLU D 123 -9.51 -6.36 28.07
N THR D 124 -10.28 -6.69 26.99
CA THR D 124 -9.72 -7.20 25.73
C THR D 124 -8.91 -6.08 25.05
N GLN D 125 -9.50 -4.87 24.97
CA GLN D 125 -8.89 -3.68 24.37
C GLN D 125 -7.67 -3.21 25.16
N ILE D 126 -7.77 -3.21 26.50
CA ILE D 126 -6.69 -2.81 27.42
C ILE D 126 -5.48 -3.77 27.23
N ALA D 127 -5.74 -5.10 27.17
CA ALA D 127 -4.70 -6.11 26.97
C ALA D 127 -4.06 -6.03 25.59
N THR D 128 -4.84 -5.68 24.54
CA THR D 128 -4.37 -5.55 23.17
C THR D 128 -3.42 -4.35 23.05
N ILE D 129 -3.79 -3.19 23.64
CA ILE D 129 -3.00 -1.95 23.63
C ILE D 129 -1.70 -2.18 24.42
N LEU D 130 -1.80 -2.71 25.67
CA LEU D 130 -0.65 -2.98 26.55
C LEU D 130 0.37 -3.94 25.93
N ARG D 131 -0.11 -4.94 25.16
CA ARG D 131 0.74 -5.91 24.46
C ARG D 131 1.62 -5.21 23.42
N GLU D 132 1.01 -4.26 22.68
CA GLU D 132 1.67 -3.48 21.64
C GLU D 132 2.69 -2.50 22.22
N ILE D 133 2.41 -1.93 23.41
CA ILE D 133 3.34 -1.02 24.11
C ILE D 133 4.55 -1.85 24.53
N LEU D 134 4.31 -3.07 25.08
CA LEU D 134 5.33 -4.01 25.53
C LEU D 134 6.23 -4.46 24.38
N LYS D 135 5.66 -4.63 23.17
CA LYS D 135 6.40 -5.01 21.97
C LYS D 135 7.34 -3.87 21.55
N GLY D 136 6.90 -2.63 21.79
CA GLY D 136 7.66 -1.41 21.53
C GLY D 136 8.75 -1.21 22.56
N LEU D 137 8.41 -1.48 23.84
CA LEU D 137 9.34 -1.38 24.97
C LEU D 137 10.44 -2.43 24.85
N ASP D 138 10.08 -3.65 24.39
CA ASP D 138 11.02 -4.75 24.20
C ASP D 138 12.11 -4.36 23.19
N TYR D 139 11.75 -3.62 22.12
CA TYR D 139 12.72 -3.16 21.11
C TYR D 139 13.64 -2.10 21.71
N LEU D 140 13.07 -1.07 22.38
CA LEU D 140 13.82 0.05 22.95
C LEU D 140 14.80 -0.41 24.03
N HIS D 141 14.34 -1.24 24.96
CA HIS D 141 15.14 -1.74 26.07
C HIS D 141 16.27 -2.65 25.58
N SER D 142 16.00 -3.45 24.51
CA SER D 142 17.03 -4.31 23.91
C SER D 142 18.08 -3.47 23.16
N GLU D 143 17.68 -2.27 22.70
CA GLU D 143 18.55 -1.32 22.01
C GLU D 143 19.20 -0.35 23.01
N LYS D 144 19.10 -0.69 24.32
CA LYS D 144 19.64 0.06 25.47
C LYS D 144 19.07 1.50 25.51
N LYS D 145 17.76 1.63 25.25
CA LYS D 145 17.04 2.91 25.22
C LYS D 145 15.86 2.88 26.19
N ILE D 146 15.57 4.03 26.82
CA ILE D 146 14.45 4.24 27.74
C ILE D 146 13.52 5.27 27.11
N HIS D 147 12.22 4.99 27.09
CA HIS D 147 11.26 5.93 26.53
C HIS D 147 11.13 7.17 27.41
N ARG D 148 11.04 6.95 28.75
CA ARG D 148 10.93 7.96 29.81
C ARG D 148 9.57 8.69 29.88
N ASP D 149 8.65 8.51 28.91
CA ASP D 149 7.34 9.17 28.96
C ASP D 149 6.24 8.24 28.40
N ILE D 150 6.10 7.05 29.01
CA ILE D 150 5.09 6.06 28.63
C ILE D 150 3.76 6.47 29.27
N LYS D 151 2.78 6.83 28.42
CA LYS D 151 1.41 7.22 28.80
C LYS D 151 0.51 7.10 27.58
N ALA D 152 -0.82 7.01 27.78
CA ALA D 152 -1.81 6.87 26.70
C ALA D 152 -1.73 8.02 25.68
N ALA D 153 -1.34 9.23 26.13
CA ALA D 153 -1.17 10.40 25.27
C ALA D 153 0.01 10.24 24.29
N ASN D 154 0.98 9.37 24.62
CA ASN D 154 2.17 9.10 23.81
C ASN D 154 2.07 7.78 23.04
N VAL D 155 0.99 7.01 23.26
CA VAL D 155 0.74 5.73 22.59
C VAL D 155 -0.20 6.05 21.42
N LEU D 156 0.34 6.06 20.19
CA LEU D 156 -0.41 6.43 18.99
C LEU D 156 -0.89 5.25 18.16
N LEU D 157 -1.95 5.47 17.35
CA LEU D 157 -2.55 4.47 16.46
C LEU D 157 -2.47 4.93 15.01
N SER D 158 -2.29 3.98 14.07
CA SER D 158 -2.12 4.24 12.63
C SER D 158 -3.39 4.79 11.96
N GLU D 159 -4.35 3.90 11.68
CA GLU D 159 -5.66 4.06 11.02
C GLU D 159 -6.16 2.66 10.73
N HIS D 160 -5.21 1.73 10.52
CA HIS D 160 -5.42 0.30 10.29
C HIS D 160 -5.50 -0.44 11.63
N GLY D 161 -5.03 0.20 12.70
CA GLY D 161 -5.05 -0.34 14.06
C GLY D 161 -3.70 -0.51 14.72
N GLU D 162 -2.60 -0.27 13.97
CA GLU D 162 -1.21 -0.40 14.43
C GLU D 162 -0.92 0.56 15.58
N VAL D 163 -0.25 0.08 16.63
CA VAL D 163 0.08 0.87 17.81
C VAL D 163 1.60 1.13 17.86
N LYS D 164 2.00 2.41 17.86
CA LYS D 164 3.40 2.83 17.89
C LYS D 164 3.66 3.84 19.01
N LEU D 165 4.88 3.80 19.58
CA LEU D 165 5.32 4.70 20.65
C LEU D 165 5.92 5.98 20.10
N ALA D 166 5.57 7.12 20.71
CA ALA D 166 6.03 8.45 20.29
C ALA D 166 6.33 9.35 21.49
N ASP D 167 7.00 10.49 21.21
CA ASP D 167 7.36 11.57 22.14
C ASP D 167 8.07 11.03 23.40
N PHE D 168 9.38 10.82 23.26
CA PHE D 168 10.28 10.33 24.32
C PHE D 168 10.49 11.39 25.41
N GLY D 169 11.03 10.97 26.56
CA GLY D 169 11.38 11.83 27.69
C GLY D 169 12.67 12.60 27.45
N VAL D 170 13.41 13.01 28.53
CA VAL D 170 14.65 13.78 28.34
C VAL D 170 15.84 13.19 29.19
N ALA D 171 16.34 13.91 30.22
CA ALA D 171 17.46 13.58 31.13
C ALA D 171 17.74 14.76 32.10
N GLY D 172 17.84 14.47 33.40
CA GLY D 172 18.07 15.47 34.45
C GLY D 172 16.78 15.99 35.04
N GLN D 173 16.50 15.67 36.32
CA GLN D 173 15.26 16.01 37.04
C GLN D 173 15.05 17.53 37.21
N LEU D 174 16.13 18.32 37.37
CA LEU D 174 16.03 19.78 37.51
C LEU D 174 15.55 20.39 36.18
N THR D 175 16.00 19.80 35.05
CA THR D 175 15.68 20.18 33.68
C THR D 175 14.20 19.85 33.37
N ASP D 176 13.63 18.81 34.04
CA ASP D 176 12.22 18.42 33.90
C ASP D 176 11.33 19.54 34.46
N THR D 177 11.67 20.08 35.65
CA THR D 177 10.94 21.16 36.31
C THR D 177 11.75 22.45 36.31
N PHE D 184 6.98 25.54 38.60
CA PHE D 184 6.94 24.09 38.42
C PHE D 184 6.18 23.70 37.14
N VAL D 185 6.89 22.96 36.27
CA VAL D 185 6.37 22.42 35.02
C VAL D 185 6.69 20.93 35.02
N GLY D 186 5.68 20.10 34.78
CA GLY D 186 5.85 18.66 34.77
C GLY D 186 4.62 17.89 35.16
N THR D 187 4.46 16.71 34.56
CA THR D 187 3.35 15.78 34.75
C THR D 187 3.96 14.50 35.35
N PRO D 188 4.04 14.39 36.70
CA PRO D 188 4.73 13.24 37.31
C PRO D 188 3.84 12.02 37.58
N PHE D 189 2.56 12.05 37.18
CA PHE D 189 1.60 10.96 37.43
C PHE D 189 2.12 9.59 36.96
N TRP D 190 2.80 9.55 35.80
CA TRP D 190 3.35 8.33 35.20
C TRP D 190 4.80 8.03 35.64
N MET D 191 5.50 9.01 36.23
CA MET D 191 6.90 8.92 36.69
C MET D 191 7.16 7.84 37.75
N ALA D 192 8.30 7.14 37.60
CA ALA D 192 8.75 6.11 38.52
C ALA D 192 9.31 6.76 39.81
N PRO D 193 9.15 6.12 41.01
CA PRO D 193 9.63 6.74 42.25
C PRO D 193 11.15 6.97 42.30
N GLU D 194 11.96 6.13 41.63
CA GLU D 194 13.42 6.24 41.60
C GLU D 194 13.86 7.44 40.73
N VAL D 195 13.02 7.84 39.76
CA VAL D 195 13.26 8.98 38.86
C VAL D 195 13.10 10.26 39.69
N ILE D 196 12.04 10.34 40.51
CA ILE D 196 11.77 11.46 41.41
C ILE D 196 12.84 11.48 42.52
N LYS D 197 13.17 10.29 43.07
CA LYS D 197 14.19 10.11 44.13
C LYS D 197 15.58 10.54 43.65
N GLN D 198 15.70 10.77 42.31
CA GLN D 198 16.89 11.20 41.56
C GLN D 198 18.02 10.16 41.62
N SER D 199 17.65 8.90 41.92
CA SER D 199 18.60 7.78 41.93
C SER D 199 18.76 7.25 40.51
N ALA D 200 19.69 6.30 40.29
CA ALA D 200 19.94 5.72 38.98
C ALA D 200 18.73 4.93 38.48
N TYR D 201 18.27 5.26 37.26
CA TYR D 201 17.12 4.58 36.66
C TYR D 201 17.51 3.99 35.31
N ASP D 202 16.87 2.87 34.96
CA ASP D 202 17.09 2.16 33.70
C ASP D 202 15.74 1.90 33.03
N SER D 203 15.68 0.89 32.14
CA SER D 203 14.50 0.44 31.41
C SER D 203 13.27 0.20 32.32
N LYS D 204 13.51 -0.25 33.57
CA LYS D 204 12.50 -0.60 34.60
C LYS D 204 11.61 0.58 34.98
N ALA D 205 12.06 1.83 34.72
CA ALA D 205 11.28 3.05 34.99
C ALA D 205 10.05 3.09 34.08
N ASP D 206 10.21 2.65 32.80
CA ASP D 206 9.15 2.57 31.80
C ASP D 206 8.10 1.51 32.19
N ILE D 207 8.50 0.48 32.97
CA ILE D 207 7.62 -0.58 33.47
C ILE D 207 6.65 0.04 34.49
N TRP D 208 7.14 0.96 35.36
CA TRP D 208 6.29 1.68 36.32
C TRP D 208 5.25 2.47 35.52
N SER D 209 5.73 3.27 34.54
CA SER D 209 4.94 4.10 33.64
C SER D 209 3.88 3.28 32.92
N LEU D 210 4.21 2.01 32.56
CA LEU D 210 3.30 1.07 31.92
C LEU D 210 2.16 0.69 32.87
N GLY D 211 2.50 0.44 34.14
CA GLY D 211 1.56 0.11 35.20
C GLY D 211 0.57 1.23 35.45
N ILE D 212 1.05 2.49 35.40
CA ILE D 212 0.23 3.71 35.57
C ILE D 212 -0.67 3.87 34.32
N THR D 213 -0.12 3.53 33.13
CA THR D 213 -0.84 3.58 31.85
C THR D 213 -1.94 2.50 31.84
N ALA D 214 -1.69 1.34 32.47
CA ALA D 214 -2.66 0.25 32.58
C ALA D 214 -3.89 0.73 33.38
N ILE D 215 -3.65 1.46 34.49
CA ILE D 215 -4.71 2.05 35.33
C ILE D 215 -5.40 3.16 34.52
N GLU D 216 -4.62 3.94 33.77
CA GLU D 216 -5.12 5.01 32.91
C GLU D 216 -6.07 4.44 31.84
N LEU D 217 -5.73 3.28 31.26
CA LEU D 217 -6.55 2.63 30.23
C LEU D 217 -7.79 1.94 30.83
N ALA D 218 -7.72 1.56 32.13
CA ALA D 218 -8.80 0.87 32.82
C ALA D 218 -9.78 1.83 33.50
N ARG D 219 -9.26 2.79 34.31
CA ARG D 219 -10.06 3.75 35.08
C ARG D 219 -10.35 5.05 34.31
N GLY D 220 -9.60 5.32 33.24
CA GLY D 220 -9.79 6.52 32.42
C GLY D 220 -8.68 7.53 32.61
N GLU D 221 -8.27 7.74 33.87
CA GLU D 221 -7.22 8.67 34.25
C GLU D 221 -6.17 7.98 35.18
N PRO D 222 -4.91 8.51 35.25
CA PRO D 222 -3.89 7.86 36.11
C PRO D 222 -4.14 8.09 37.61
N PRO D 223 -3.47 7.33 38.53
CA PRO D 223 -3.69 7.57 39.98
C PRO D 223 -3.29 8.97 40.45
N HIS D 224 -3.98 9.45 41.51
CA HIS D 224 -3.81 10.75 42.18
C HIS D 224 -4.07 11.93 41.22
N SER D 225 -4.90 11.71 40.17
CA SER D 225 -5.28 12.70 39.15
C SER D 225 -6.07 13.88 39.75
N GLU D 226 -6.78 13.64 40.86
CA GLU D 226 -7.57 14.62 41.60
C GLU D 226 -6.69 15.65 42.34
N LEU D 227 -5.37 15.37 42.46
CA LEU D 227 -4.39 16.20 43.15
C LEU D 227 -3.55 17.04 42.20
N HIS D 228 -2.91 18.09 42.75
CA HIS D 228 -2.00 19.02 42.06
C HIS D 228 -0.71 18.26 41.69
N PRO D 229 -0.09 18.50 40.51
CA PRO D 229 1.12 17.74 40.14
C PRO D 229 2.25 17.77 41.18
N MET D 230 2.44 18.91 41.88
CA MET D 230 3.47 19.06 42.91
C MET D 230 3.24 18.11 44.08
N LYS D 231 1.97 17.93 44.49
CA LYS D 231 1.57 17.05 45.59
C LYS D 231 1.77 15.58 45.22
N VAL D 232 1.51 15.23 43.94
CA VAL D 232 1.68 13.87 43.40
C VAL D 232 3.18 13.53 43.37
N LEU D 233 4.02 14.52 42.97
CA LEU D 233 5.48 14.42 42.89
C LEU D 233 6.11 13.96 44.21
N PHE D 234 5.64 14.53 45.34
CA PHE D 234 6.12 14.17 46.67
C PHE D 234 5.49 12.85 47.16
N LEU D 235 4.20 12.59 46.83
CA LEU D 235 3.48 11.39 47.25
C LEU D 235 4.11 10.08 46.76
N ILE D 236 4.34 9.96 45.42
CA ILE D 236 4.86 8.76 44.75
C ILE D 236 6.04 8.10 45.53
N PRO D 237 7.19 8.76 45.81
CA PRO D 237 8.26 8.06 46.54
C PRO D 237 7.94 7.77 48.02
N LYS D 238 7.01 8.54 48.63
CA LYS D 238 6.64 8.38 50.04
C LYS D 238 5.60 7.27 50.22
N ASN D 239 4.41 7.43 49.63
CA ASN D 239 3.28 6.50 49.73
C ASN D 239 3.53 5.18 48.99
N ASN D 240 2.75 4.14 49.39
CA ASN D 240 2.76 2.79 48.83
C ASN D 240 2.40 2.81 47.33
N PRO D 241 2.84 1.82 46.51
CA PRO D 241 2.53 1.86 45.07
C PRO D 241 1.03 1.77 44.80
N PRO D 242 0.51 2.46 43.74
CA PRO D 242 -0.93 2.40 43.46
C PRO D 242 -1.41 0.99 43.11
N THR D 243 -2.72 0.76 43.29
CA THR D 243 -3.37 -0.52 42.98
C THR D 243 -4.66 -0.26 42.24
N LEU D 244 -4.97 -1.11 41.25
CA LEU D 244 -6.19 -1.00 40.46
C LEU D 244 -7.38 -1.47 41.29
N GLU D 245 -8.35 -0.57 41.52
CA GLU D 245 -9.56 -0.83 42.30
C GLU D 245 -10.81 -0.83 41.43
N GLY D 246 -11.84 -1.56 41.86
CA GLY D 246 -13.11 -1.67 41.15
C GLY D 246 -13.29 -2.98 40.41
N ASN D 247 -14.34 -3.08 39.58
CA ASN D 247 -14.67 -4.26 38.79
C ASN D 247 -13.65 -4.49 37.67
N TYR D 248 -12.54 -5.14 38.03
CA TYR D 248 -11.41 -5.51 37.17
C TYR D 248 -10.91 -6.89 37.61
N SER D 249 -10.67 -7.79 36.64
CA SER D 249 -10.22 -9.18 36.87
C SER D 249 -8.87 -9.27 37.60
N LYS D 250 -8.64 -10.40 38.31
CA LYS D 250 -7.42 -10.71 39.04
C LYS D 250 -6.15 -10.65 38.14
N PRO D 251 -6.13 -11.21 36.89
CA PRO D 251 -4.91 -11.09 36.06
C PRO D 251 -4.52 -9.65 35.75
N LEU D 252 -5.52 -8.76 35.52
CA LEU D 252 -5.30 -7.34 35.25
C LEU D 252 -4.74 -6.64 36.49
N LYS D 253 -5.33 -6.93 37.68
CA LYS D 253 -4.91 -6.38 38.97
C LYS D 253 -3.48 -6.82 39.30
N GLU D 254 -3.14 -8.09 39.00
CA GLU D 254 -1.82 -8.68 39.22
C GLU D 254 -0.78 -8.11 38.23
N PHE D 255 -1.21 -7.72 37.01
CA PHE D 255 -0.34 -7.10 35.99
C PHE D 255 0.12 -5.73 36.48
N VAL D 256 -0.84 -4.95 37.04
CA VAL D 256 -0.63 -3.61 37.60
C VAL D 256 0.30 -3.73 38.84
N GLU D 257 0.02 -4.69 39.73
CA GLU D 257 0.79 -4.97 40.95
C GLU D 257 2.25 -5.31 40.63
N ALA D 258 2.48 -6.11 39.55
CA ALA D 258 3.79 -6.52 39.08
C ALA D 258 4.62 -5.33 38.61
N CYS D 259 3.99 -4.43 37.81
CA CYS D 259 4.61 -3.23 37.27
C CYS D 259 4.85 -2.20 38.37
N LEU D 260 3.81 -1.93 39.18
CA LEU D 260 3.90 -0.91 40.23
C LEU D 260 4.51 -1.47 41.50
N ASN D 261 5.83 -1.61 41.46
CA ASN D 261 6.67 -2.05 42.56
C ASN D 261 7.61 -0.91 42.87
N LYS D 262 7.73 -0.52 44.16
CA LYS D 262 8.60 0.58 44.57
C LYS D 262 10.08 0.28 44.25
N GLU D 263 10.43 -1.01 44.13
CA GLU D 263 11.77 -1.48 43.81
C GLU D 263 11.86 -1.84 42.32
N PRO D 264 12.64 -1.08 41.50
CA PRO D 264 12.71 -1.37 40.05
C PRO D 264 13.31 -2.74 39.70
N SER D 265 14.25 -3.26 40.52
CA SER D 265 14.90 -4.56 40.30
C SER D 265 13.93 -5.73 40.54
N PHE D 266 12.79 -5.46 41.21
CA PHE D 266 11.74 -6.43 41.52
C PHE D 266 10.62 -6.38 40.45
N ARG D 267 10.69 -5.41 39.52
CA ARG D 267 9.74 -5.26 38.40
C ARG D 267 10.13 -6.19 37.24
N PRO D 268 9.15 -6.81 36.54
CA PRO D 268 9.52 -7.71 35.42
C PRO D 268 9.91 -6.95 34.16
N THR D 269 10.69 -7.61 33.27
CA THR D 269 11.15 -7.03 32.00
C THR D 269 9.97 -6.94 31.00
N ALA D 270 10.16 -6.22 29.88
CA ALA D 270 9.14 -6.08 28.84
C ALA D 270 8.79 -7.44 28.24
N LYS D 271 9.81 -8.31 28.05
CA LYS D 271 9.68 -9.68 27.53
C LYS D 271 8.90 -10.56 28.51
N GLU D 272 9.15 -10.39 29.83
CA GLU D 272 8.50 -11.13 30.91
C GLU D 272 7.00 -10.81 30.99
N LEU D 273 6.64 -9.52 30.81
CA LEU D 273 5.24 -9.06 30.86
C LEU D 273 4.47 -9.44 29.59
N LEU D 274 5.17 -9.81 28.50
CA LEU D 274 4.55 -10.24 27.26
C LEU D 274 3.96 -11.64 27.43
N LYS D 275 4.53 -12.42 28.38
CA LYS D 275 4.13 -13.78 28.72
C LYS D 275 3.19 -13.79 29.96
N HIS D 276 2.66 -12.61 30.35
CA HIS D 276 1.74 -12.48 31.49
C HIS D 276 0.39 -13.13 31.20
N LYS D 277 -0.25 -13.68 32.25
CA LYS D 277 -1.56 -14.37 32.21
C LYS D 277 -2.67 -13.45 31.67
N PHE D 278 -2.59 -12.13 31.95
CA PHE D 278 -3.59 -11.17 31.49
C PHE D 278 -3.47 -10.92 29.98
N ILE D 279 -2.24 -10.68 29.49
CA ILE D 279 -1.95 -10.40 28.08
C ILE D 279 -2.28 -11.63 27.20
N LEU D 280 -1.71 -12.81 27.51
CA LEU D 280 -1.91 -14.03 26.73
C LEU D 280 -3.38 -14.45 26.62
N ARG D 281 -4.21 -14.20 27.66
CA ARG D 281 -5.61 -14.59 27.68
C ARG D 281 -6.58 -13.54 27.14
N ASN D 282 -6.34 -12.23 27.39
CA ASN D 282 -7.28 -11.20 26.97
C ASN D 282 -6.90 -10.45 25.67
N ALA D 283 -5.59 -10.39 25.29
CA ALA D 283 -5.18 -9.68 24.08
C ALA D 283 -5.51 -10.45 22.81
N LYS D 284 -6.11 -9.75 21.83
CA LYS D 284 -6.51 -10.29 20.52
C LYS D 284 -5.81 -9.51 19.38
N LYS D 285 -6.32 -9.65 18.12
CA LYS D 285 -5.78 -8.97 16.94
C LYS D 285 -5.85 -7.45 17.06
N THR D 286 -4.86 -6.75 16.46
CA THR D 286 -4.76 -5.27 16.51
C THR D 286 -5.73 -4.61 15.52
N SER D 287 -6.22 -5.37 14.50
CA SER D 287 -7.17 -4.89 13.51
C SER D 287 -8.56 -4.64 14.13
N TYR D 288 -8.81 -5.19 15.34
CA TYR D 288 -10.06 -5.05 16.09
C TYR D 288 -10.16 -3.69 16.79
N LEU D 289 -9.01 -2.99 16.93
CA LEU D 289 -8.93 -1.67 17.56
C LEU D 289 -9.46 -0.56 16.63
N THR D 290 -9.71 -0.90 15.34
CA THR D 290 -10.24 0.00 14.30
C THR D 290 -11.66 0.48 14.68
N GLU D 291 -12.38 -0.30 15.53
CA GLU D 291 -13.72 -0.01 16.04
C GLU D 291 -13.79 1.33 16.81
N LEU D 292 -12.65 1.74 17.42
CA LEU D 292 -12.51 2.99 18.17
C LEU D 292 -11.70 4.01 17.35
N ILE D 293 -12.40 4.95 16.69
CA ILE D 293 -11.79 6.00 15.85
C ILE D 293 -12.52 7.34 16.07
N ASP D 294 -12.46 7.85 17.32
CA ASP D 294 -13.07 9.13 17.74
C ASP D 294 -12.29 9.72 18.93
#